data_3B9O
#
_entry.id   3B9O
#
_cell.length_a   76.951
_cell.length_b   76.951
_cell.length_c   323.467
_cell.angle_alpha   90.00
_cell.angle_beta   90.00
_cell.angle_gamma   90.00
#
_symmetry.space_group_name_H-M   'P 43 21 2'
#
loop_
_entity.id
_entity.type
_entity.pdbx_description
1 polymer 'Alkane monooxygenase'
2 non-polymer 'FLAVIN MONONUCLEOTIDE'
3 water water
#
_entity_poly.entity_id   1
_entity_poly.type   'polypeptide(L)'
_entity_poly.pdbx_seq_one_letter_code
;MTKKIHINAFEMNCVGHIAHGLWRHPENQRHRYTDLNYWTELAQLLEKGKFDALFLADVVGIYDVYRQSRDTAVREAVQI
PVNDPLMLISAMAYVTKHLAFAVTFSTTYEHPYGHARRMSTLDHLTKGRIAWNVVTSHLPSADKNFGIKKILEHDERYDL
ADEYLEVCYKLWEGSWEDNAVIRDIENNIYTDPSKVHEINHSGKYFEVPGPHLCEPSPQRTPVIYQAGMSERGREFAAKH
AECVFLGGKDVETLKFFVDDIRKRAKKYGRNPDHIKMFAGICVIVGKTHDEAMEKLNSFQKYWSLEGHLAHYGGGTGYDL
SKYSSNDYIGSISVGEIINNMSKLDGKWFKLSVGTPKKVADEMQYLVEEAGIDGFNLVQYVSPGTFVDFIELVVPELQKR
GLYRVDYEEGTYREKLFGKGNYRLPDDHIAARYRNISSNV
;
_entity_poly.pdbx_strand_id   A,B
#
loop_
_chem_comp.id
_chem_comp.type
_chem_comp.name
_chem_comp.formula
FMN non-polymer 'FLAVIN MONONUCLEOTIDE' 'C17 H21 N4 O9 P'
#
# COMPACT_ATOMS: atom_id res chain seq x y z
N LYS A 3 24.82 -9.26 -22.58
CA LYS A 3 24.59 -8.93 -24.02
C LYS A 3 23.12 -8.58 -24.29
N LYS A 4 22.27 -8.90 -23.32
CA LYS A 4 20.85 -8.78 -23.51
C LYS A 4 20.32 -7.48 -22.86
N ILE A 5 19.52 -6.78 -23.65
CA ILE A 5 18.96 -5.46 -23.29
C ILE A 5 17.82 -5.63 -22.28
N HIS A 6 17.95 -4.99 -21.13
CA HIS A 6 16.86 -4.97 -20.15
C HIS A 6 15.72 -4.00 -20.61
N ILE A 7 14.47 -4.45 -20.56
CA ILE A 7 13.40 -3.57 -20.96
C ILE A 7 12.33 -3.50 -19.87
N ASN A 8 12.05 -2.27 -19.45
CA ASN A 8 10.95 -1.97 -18.52
C ASN A 8 9.79 -1.25 -19.23
N ALA A 9 8.58 -1.52 -18.79
CA ALA A 9 7.37 -0.86 -19.26
C ALA A 9 7.17 0.37 -18.39
N PHE A 10 7.15 1.55 -19.00
CA PHE A 10 7.01 2.80 -18.25
C PHE A 10 5.53 3.16 -18.07
N GLU A 11 5.13 3.32 -16.81
CA GLU A 11 3.70 3.46 -16.51
C GLU A 11 3.50 4.41 -15.33
N MET A 12 2.26 4.80 -15.10
CA MET A 12 1.88 5.59 -13.94
C MET A 12 0.40 5.36 -13.67
N ASN A 13 0.04 5.32 -12.38
CA ASN A 13 -1.32 5.06 -11.95
C ASN A 13 -2.17 6.37 -12.08
N CYS A 14 -2.39 6.79 -13.32
CA CYS A 14 -3.15 8.03 -13.60
C CYS A 14 -3.62 7.96 -15.03
N VAL A 15 -4.20 9.06 -15.52
CA VAL A 15 -4.69 9.11 -16.89
C VAL A 15 -3.59 9.58 -17.84
N GLY A 16 -3.21 10.86 -17.76
CA GLY A 16 -2.20 11.42 -18.66
C GLY A 16 -0.86 11.38 -17.96
N HIS A 17 0.04 10.54 -18.46
CA HIS A 17 1.38 10.38 -17.89
C HIS A 17 2.44 11.24 -18.65
N ILE A 18 2.83 10.81 -19.85
CA ILE A 18 3.83 11.52 -20.66
C ILE A 18 3.21 12.10 -21.96
N ALA A 19 2.46 11.29 -22.72
CA ALA A 19 1.89 11.72 -24.01
C ALA A 19 0.56 12.49 -23.86
N HIS A 20 0.66 13.74 -23.45
CA HIS A 20 -0.56 14.50 -23.12
C HIS A 20 -1.49 14.74 -24.28
N GLY A 21 -2.79 14.55 -24.03
CA GLY A 21 -3.79 14.65 -25.05
C GLY A 21 -4.23 13.31 -25.62
N LEU A 22 -3.38 12.29 -25.46
CA LEU A 22 -3.63 11.00 -26.09
C LEU A 22 -4.78 10.18 -25.51
N TRP A 23 -5.21 10.52 -24.31
CA TRP A 23 -6.35 9.81 -23.65
C TRP A 23 -7.57 9.78 -24.58
N ARG A 24 -7.66 10.81 -25.45
CA ARG A 24 -8.72 10.90 -26.49
C ARG A 24 -8.65 9.89 -27.63
N HIS A 25 -7.47 9.35 -27.90
CA HIS A 25 -7.30 8.42 -29.01
C HIS A 25 -8.27 7.20 -28.87
N PRO A 26 -8.96 6.84 -29.98
CA PRO A 26 -10.02 5.86 -29.86
C PRO A 26 -9.55 4.48 -29.41
N GLU A 27 -8.23 4.25 -29.47
CA GLU A 27 -7.69 2.94 -29.15
C GLU A 27 -7.18 2.87 -27.71
N ASN A 28 -7.18 3.99 -27.00
CA ASN A 28 -6.51 4.13 -25.72
C ASN A 28 -7.34 3.60 -24.56
N GLN A 29 -6.66 3.30 -23.47
CA GLN A 29 -7.28 2.71 -22.29
C GLN A 29 -6.88 3.39 -20.98
N ARG A 30 -6.40 4.65 -21.06
CA ARG A 30 -6.01 5.45 -19.89
C ARG A 30 -7.12 5.64 -18.86
N HIS A 31 -8.37 5.71 -19.33
CA HIS A 31 -9.54 5.79 -18.45
C HIS A 31 -9.73 4.50 -17.63
N ARG A 32 -9.03 3.42 -17.99
CA ARG A 32 -9.06 2.16 -17.21
C ARG A 32 -8.12 2.15 -15.99
N TYR A 33 -7.43 3.26 -15.73
CA TYR A 33 -6.44 3.27 -14.67
C TYR A 33 -7.10 2.92 -13.32
N THR A 34 -8.40 3.18 -13.20
CA THR A 34 -9.16 2.85 -11.98
C THR A 34 -9.59 1.37 -11.90
N ASP A 35 -9.39 0.62 -12.99
CA ASP A 35 -9.90 -0.79 -13.12
C ASP A 35 -8.74 -1.70 -12.78
N LEU A 36 -8.92 -2.47 -11.72
CA LEU A 36 -7.92 -3.44 -11.29
C LEU A 36 -7.54 -4.39 -12.43
N ASN A 37 -8.55 -4.82 -13.18
CA ASN A 37 -8.31 -5.66 -14.35
C ASN A 37 -7.38 -5.10 -15.41
N TYR A 38 -7.33 -3.78 -15.58
CA TYR A 38 -6.34 -3.15 -16.48
C TYR A 38 -4.92 -3.56 -16.05
N TRP A 39 -4.63 -3.38 -14.75
CA TRP A 39 -3.29 -3.64 -14.19
C TRP A 39 -2.87 -5.10 -14.27
N THR A 40 -3.77 -6.01 -13.93
CA THR A 40 -3.45 -7.45 -14.02
C THR A 40 -3.26 -7.88 -15.49
N GLU A 41 -4.13 -7.41 -16.37
CA GLU A 41 -4.00 -7.72 -17.81
C GLU A 41 -2.68 -7.15 -18.34
N LEU A 42 -2.36 -5.90 -17.99
CA LEU A 42 -1.03 -5.33 -18.31
C LEU A 42 0.15 -6.23 -17.87
N ALA A 43 0.14 -6.61 -16.59
CA ALA A 43 1.20 -7.42 -16.01
C ALA A 43 1.33 -8.71 -16.80
N GLN A 44 0.18 -9.32 -17.13
CA GLN A 44 0.17 -10.55 -17.90
C GLN A 44 0.74 -10.35 -19.31
N LEU A 45 0.31 -9.29 -19.98
CA LEU A 45 0.87 -8.89 -21.29
C LEU A 45 2.41 -8.74 -21.21
N LEU A 46 2.90 -8.01 -20.20
CA LEU A 46 4.34 -7.70 -20.12
C LEU A 46 5.16 -8.96 -19.89
N GLU A 47 4.62 -9.87 -19.08
CA GLU A 47 5.30 -11.13 -18.82
C GLU A 47 5.31 -12.00 -20.08
N LYS A 48 4.20 -12.04 -20.83
CA LYS A 48 4.19 -12.65 -22.15
C LYS A 48 5.32 -12.08 -23.06
N GLY A 49 5.50 -10.76 -23.07
CA GLY A 49 6.61 -10.13 -23.81
C GLY A 49 7.99 -10.20 -23.18
N LYS A 50 8.14 -10.94 -22.08
CA LYS A 50 9.41 -11.13 -21.33
C LYS A 50 10.04 -9.85 -20.76
N PHE A 51 9.24 -8.82 -20.54
CA PHE A 51 9.77 -7.58 -19.97
C PHE A 51 10.45 -7.85 -18.62
N ASP A 52 11.56 -7.18 -18.32
CA ASP A 52 12.11 -7.21 -16.95
C ASP A 52 11.09 -6.75 -15.89
N ALA A 53 10.51 -5.58 -16.13
CA ALA A 53 9.70 -4.95 -15.07
C ALA A 53 8.66 -3.98 -15.59
N LEU A 54 7.70 -3.69 -14.71
CA LEU A 54 6.79 -2.58 -14.85
C LEU A 54 7.36 -1.48 -13.98
N PHE A 55 7.63 -0.31 -14.56
CA PHE A 55 8.26 0.81 -13.84
C PHE A 55 7.19 1.88 -13.65
N LEU A 56 6.78 2.08 -12.41
CA LEU A 56 5.70 3.04 -12.12
C LEU A 56 6.27 4.36 -11.60
N ALA A 57 6.04 5.40 -12.36
CA ALA A 57 6.26 6.78 -11.90
C ALA A 57 5.21 7.15 -10.84
N ASP A 58 5.43 8.27 -10.16
CA ASP A 58 4.46 8.78 -9.21
C ASP A 58 4.72 10.23 -8.90
N VAL A 59 3.66 10.92 -8.50
CA VAL A 59 3.78 12.27 -7.91
C VAL A 59 2.73 12.37 -6.82
N VAL A 60 3.04 13.11 -5.77
CA VAL A 60 2.07 13.47 -4.75
C VAL A 60 1.79 14.99 -4.80
N GLY A 61 2.45 15.67 -5.74
CA GLY A 61 2.23 17.08 -6.03
C GLY A 61 1.37 17.22 -7.26
N ILE A 62 1.02 18.47 -7.55
CA ILE A 62 0.09 18.81 -8.61
C ILE A 62 0.83 19.79 -9.51
N TYR A 63 0.58 19.65 -10.80
CA TYR A 63 1.15 20.45 -11.85
C TYR A 63 0.38 21.79 -11.96
N ASP A 64 0.76 22.73 -11.11
CA ASP A 64 0.01 24.00 -10.97
C ASP A 64 0.93 25.17 -11.25
N VAL A 65 1.96 24.95 -12.05
CA VAL A 65 2.95 26.00 -12.30
C VAL A 65 2.51 26.79 -13.53
N TYR A 66 2.24 26.07 -14.62
CA TYR A 66 1.81 26.71 -15.84
C TYR A 66 0.46 27.43 -15.65
N ARG A 67 0.44 28.72 -16.04
CA ARG A 67 -0.66 29.66 -15.77
C ARG A 67 -1.05 29.80 -14.31
N GLN A 68 -0.11 29.49 -13.42
CA GLN A 68 -0.28 29.67 -11.98
C GLN A 68 -1.45 28.90 -11.34
N SER A 69 -1.92 27.87 -12.03
CA SER A 69 -3.10 27.15 -11.61
C SER A 69 -2.96 25.69 -12.03
N ARG A 70 -3.57 24.82 -11.22
CA ARG A 70 -3.71 23.41 -11.58
C ARG A 70 -4.72 23.21 -12.70
N ASP A 71 -5.48 24.23 -13.07
CA ASP A 71 -6.63 24.02 -13.98
C ASP A 71 -6.31 23.35 -15.32
N THR A 72 -5.19 23.71 -15.94
CA THR A 72 -4.78 23.01 -17.18
C THR A 72 -4.49 21.52 -16.92
N ALA A 73 -3.72 21.24 -15.87
CA ALA A 73 -3.44 19.85 -15.49
C ALA A 73 -4.74 19.08 -15.26
N VAL A 74 -5.69 19.71 -14.55
CA VAL A 74 -6.99 19.09 -14.28
C VAL A 74 -7.74 18.82 -15.60
N ARG A 75 -7.85 19.83 -16.47
CA ARG A 75 -8.59 19.69 -17.75
C ARG A 75 -7.99 18.64 -18.69
N GLU A 76 -6.68 18.61 -18.73
CA GLU A 76 -5.95 17.74 -19.67
C GLU A 76 -5.54 16.40 -19.01
N ALA A 77 -5.99 16.18 -17.77
CA ALA A 77 -5.61 14.98 -16.98
C ALA A 77 -4.08 14.74 -16.86
N VAL A 78 -3.36 15.82 -16.66
CA VAL A 78 -1.89 15.81 -16.55
C VAL A 78 -1.47 15.34 -15.13
N GLN A 79 -1.47 14.00 -14.93
CA GLN A 79 -1.03 13.39 -13.67
C GLN A 79 -1.93 13.72 -12.48
N ILE A 80 -3.14 14.20 -12.79
CA ILE A 80 -4.25 14.38 -11.83
C ILE A 80 -5.53 14.02 -12.64
N PRO A 81 -6.36 13.12 -12.11
CA PRO A 81 -6.21 12.37 -10.86
C PRO A 81 -4.99 11.40 -10.92
N VAL A 82 -4.48 11.03 -9.75
CA VAL A 82 -3.39 10.06 -9.61
C VAL A 82 -3.69 9.15 -8.42
N ASN A 83 -3.58 7.85 -8.60
CA ASN A 83 -3.75 6.89 -7.52
C ASN A 83 -2.41 6.37 -7.05
N ASP A 84 -2.40 5.69 -5.91
CA ASP A 84 -1.14 5.21 -5.31
C ASP A 84 -0.64 3.98 -6.05
N PRO A 85 0.65 3.99 -6.48
CA PRO A 85 1.20 2.85 -7.23
C PRO A 85 1.42 1.58 -6.39
N LEU A 86 1.79 1.72 -5.10
CA LEU A 86 2.04 0.53 -4.25
C LEU A 86 0.79 -0.37 -4.12
N MET A 87 -0.41 0.23 -4.12
CA MET A 87 -1.67 -0.55 -4.04
C MET A 87 -1.88 -1.60 -5.17
N LEU A 88 -1.25 -1.37 -6.32
CA LEU A 88 -1.37 -2.18 -7.53
C LEU A 88 -0.60 -3.47 -7.44
N ILE A 89 0.43 -3.48 -6.61
CA ILE A 89 1.48 -4.47 -6.78
C ILE A 89 1.03 -5.88 -6.50
N SER A 90 0.31 -6.09 -5.40
CA SER A 90 0.03 -7.49 -5.05
C SER A 90 -0.78 -8.22 -6.16
N ALA A 91 -1.80 -7.56 -6.71
CA ALA A 91 -2.63 -8.19 -7.79
C ALA A 91 -1.77 -8.56 -9.00
N MET A 92 -0.88 -7.63 -9.39
CA MET A 92 -0.03 -7.84 -10.56
C MET A 92 0.99 -8.95 -10.30
N ALA A 93 1.56 -8.98 -9.08
CA ALA A 93 2.46 -10.03 -8.67
C ALA A 93 1.73 -11.38 -8.66
N TYR A 94 0.45 -11.37 -8.29
CA TYR A 94 -0.34 -12.62 -8.19
C TYR A 94 -0.44 -13.31 -9.55
N VAL A 95 -0.62 -12.53 -10.62
CA VAL A 95 -0.84 -13.09 -11.99
C VAL A 95 0.44 -13.28 -12.79
N THR A 96 1.60 -13.04 -12.17
CA THR A 96 2.87 -13.20 -12.86
C THR A 96 3.92 -14.00 -12.05
N LYS A 97 4.86 -14.64 -12.76
CA LYS A 97 5.90 -15.45 -12.15
C LYS A 97 7.25 -14.75 -12.00
N HIS A 98 7.61 -13.92 -12.99
CA HIS A 98 8.94 -13.34 -13.12
C HIS A 98 8.98 -11.83 -13.24
N LEU A 99 7.93 -11.25 -13.83
CA LEU A 99 7.84 -9.80 -13.98
C LEU A 99 8.11 -9.10 -12.63
N ALA A 100 9.03 -8.13 -12.64
CA ALA A 100 9.35 -7.34 -11.44
C ALA A 100 8.61 -5.97 -11.46
N PHE A 101 8.70 -5.22 -10.36
CA PHE A 101 7.88 -3.99 -10.22
C PHE A 101 8.76 -2.95 -9.58
N ALA A 102 8.97 -1.83 -10.27
CA ALA A 102 9.74 -0.74 -9.69
C ALA A 102 8.71 0.35 -9.40
N VAL A 103 8.66 0.81 -8.15
CA VAL A 103 7.71 1.80 -7.70
C VAL A 103 8.47 3.05 -7.27
N THR A 104 8.03 4.15 -7.84
CA THR A 104 8.55 5.49 -7.47
C THR A 104 7.90 5.85 -6.15
N PHE A 105 8.73 6.34 -5.23
CA PHE A 105 8.27 6.77 -3.91
C PHE A 105 9.27 7.79 -3.36
N SER A 106 8.76 8.94 -2.93
CA SER A 106 9.56 10.07 -2.46
C SER A 106 10.07 9.94 -1.03
N THR A 107 11.32 10.34 -0.82
CA THR A 107 11.95 10.46 0.50
C THR A 107 11.53 11.73 1.31
N THR A 108 10.74 12.59 0.70
CA THR A 108 10.61 13.95 1.22
C THR A 108 9.51 14.09 2.28
N TYR A 109 8.46 13.25 2.18
CA TYR A 109 7.21 13.47 2.97
C TYR A 109 6.94 12.44 4.07
N GLU A 110 6.99 11.15 3.73
CA GLU A 110 6.50 10.13 4.66
C GLU A 110 7.66 9.37 5.34
N HIS A 111 7.45 8.97 6.60
CA HIS A 111 8.53 8.48 7.46
C HIS A 111 9.10 7.16 6.94
N PRO A 112 10.43 7.00 6.99
CA PRO A 112 11.04 5.74 6.55
C PRO A 112 10.62 4.46 7.26
N TYR A 113 10.14 4.55 8.51
CA TYR A 113 9.85 3.30 9.27
C TYR A 113 8.64 2.62 8.64
N GLY A 114 7.67 3.42 8.19
CA GLY A 114 6.46 2.91 7.54
C GLY A 114 6.77 2.41 6.14
N HIS A 115 7.60 3.16 5.40
CA HIS A 115 8.10 2.73 4.11
C HIS A 115 8.88 1.42 4.17
N ALA A 116 9.72 1.26 5.20
CA ALA A 116 10.53 0.08 5.27
C ALA A 116 9.67 -1.18 5.39
N ARG A 117 8.65 -1.12 6.24
CA ARG A 117 7.71 -2.23 6.40
C ARG A 117 6.95 -2.48 5.09
N ARG A 118 6.49 -1.42 4.40
CA ARG A 118 5.79 -1.58 3.11
C ARG A 118 6.63 -2.33 2.07
N MET A 119 7.89 -1.91 1.93
CA MET A 119 8.81 -2.51 0.95
C MET A 119 9.19 -3.94 1.36
N SER A 120 9.43 -4.17 2.63
CA SER A 120 9.69 -5.54 3.10
C SER A 120 8.48 -6.45 2.79
N THR A 121 7.28 -5.90 2.98
CA THR A 121 6.03 -6.63 2.74
C THR A 121 5.92 -7.01 1.25
N LEU A 122 6.15 -6.06 0.36
CA LEU A 122 6.13 -6.37 -1.07
C LEU A 122 7.26 -7.30 -1.46
N ASP A 123 8.44 -7.16 -0.84
CA ASP A 123 9.53 -8.08 -1.13
C ASP A 123 9.16 -9.54 -0.79
N HIS A 124 8.48 -9.74 0.34
CA HIS A 124 7.89 -11.06 0.67
C HIS A 124 6.79 -11.46 -0.33
N LEU A 125 5.78 -10.60 -0.48
CA LEU A 125 4.56 -10.99 -1.26
C LEU A 125 4.97 -11.32 -2.74
N THR A 126 5.87 -10.51 -3.30
CA THR A 126 6.37 -10.69 -4.68
C THR A 126 7.49 -11.70 -4.82
N LYS A 127 7.95 -12.25 -3.69
CA LYS A 127 9.07 -13.20 -3.69
C LYS A 127 10.32 -12.59 -4.37
N GLY A 128 10.62 -11.35 -3.99
CA GLY A 128 11.88 -10.75 -4.41
C GLY A 128 11.83 -10.09 -5.77
N ARG A 129 10.70 -9.45 -6.09
CA ARG A 129 10.49 -8.89 -7.44
C ARG A 129 10.11 -7.41 -7.31
N ILE A 130 10.57 -6.79 -6.22
CA ILE A 130 10.28 -5.38 -5.96
C ILE A 130 11.55 -4.47 -6.11
N ALA A 131 11.32 -3.25 -6.61
CA ALA A 131 12.35 -2.27 -6.77
C ALA A 131 11.77 -0.93 -6.35
N TRP A 132 12.65 -0.05 -5.88
CA TRP A 132 12.25 1.27 -5.45
C TRP A 132 13.00 2.33 -6.22
N ASN A 133 12.24 3.14 -6.94
CA ASN A 133 12.77 4.36 -7.57
C ASN A 133 12.76 5.53 -6.57
N VAL A 134 13.96 5.80 -6.05
CA VAL A 134 14.18 6.81 -5.02
C VAL A 134 14.18 8.18 -5.67
N VAL A 135 13.29 9.02 -5.19
CA VAL A 135 13.02 10.32 -5.78
C VAL A 135 12.98 11.37 -4.63
N THR A 136 13.25 12.64 -4.95
CA THR A 136 13.04 13.74 -3.99
C THR A 136 11.78 14.61 -4.24
N SER A 137 11.21 14.64 -5.44
CA SER A 137 9.98 15.49 -5.61
C SER A 137 10.26 17.00 -5.75
N HIS A 138 9.50 17.67 -6.60
CA HIS A 138 9.83 19.03 -6.98
C HIS A 138 8.58 19.84 -7.17
N LEU A 139 7.44 19.31 -6.68
CA LEU A 139 6.14 19.95 -6.89
C LEU A 139 5.64 20.54 -5.58
N PRO A 140 5.61 21.90 -5.47
CA PRO A 140 5.33 22.62 -4.20
C PRO A 140 4.01 22.31 -3.49
N SER A 141 2.97 21.86 -4.19
CA SER A 141 1.70 21.56 -3.51
C SER A 141 1.81 20.34 -2.59
N ALA A 142 2.73 19.42 -2.88
CA ALA A 142 3.00 18.32 -1.95
C ALA A 142 3.52 18.85 -0.58
N ASP A 143 4.47 19.79 -0.60
CA ASP A 143 4.98 20.30 0.67
C ASP A 143 3.92 21.02 1.51
N LYS A 144 2.99 21.71 0.83
CA LYS A 144 1.87 22.36 1.50
C LYS A 144 0.92 21.31 2.10
N ASN A 145 0.60 20.28 1.31
CA ASN A 145 -0.37 19.25 1.71
C ASN A 145 0.11 18.19 2.71
N PHE A 146 1.42 18.04 2.85
CA PHE A 146 1.97 17.25 3.94
C PHE A 146 2.33 18.17 5.15
N GLY A 147 1.96 19.44 5.04
CA GLY A 147 2.13 20.46 6.07
C GLY A 147 3.58 20.62 6.52
N ILE A 148 4.53 20.47 5.59
CA ILE A 148 5.95 20.66 5.91
C ILE A 148 6.14 22.09 6.41
N LYS A 149 6.74 22.21 7.60
CA LYS A 149 6.99 23.52 8.23
C LYS A 149 8.21 24.23 7.62
N LYS A 150 9.34 23.53 7.55
CA LYS A 150 10.55 24.06 6.89
C LYS A 150 10.73 23.40 5.51
N ILE A 151 10.50 24.17 4.45
CA ILE A 151 10.57 23.64 3.09
C ILE A 151 12.04 23.52 2.65
N LEU A 152 12.41 22.30 2.29
CA LEU A 152 13.78 21.99 1.93
C LEU A 152 14.10 22.44 0.51
N GLU A 153 15.32 22.99 0.37
CA GLU A 153 15.89 23.38 -0.92
C GLU A 153 16.26 22.11 -1.72
N HIS A 154 16.34 22.24 -3.04
CA HIS A 154 16.67 21.13 -3.97
C HIS A 154 17.77 20.17 -3.46
N ASP A 155 18.96 20.71 -3.16
CA ASP A 155 20.10 19.89 -2.77
C ASP A 155 19.91 19.26 -1.40
N GLU A 156 19.32 20.04 -0.50
CA GLU A 156 19.04 19.57 0.85
C GLU A 156 18.04 18.37 0.86
N ARG A 157 17.12 18.37 -0.09
CA ARG A 157 16.25 17.20 -0.27
C ARG A 157 17.03 15.90 -0.50
N TYR A 158 18.15 15.97 -1.22
CA TYR A 158 19.02 14.82 -1.45
C TYR A 158 19.81 14.38 -0.22
N ASP A 159 20.21 15.34 0.62
CA ASP A 159 20.81 14.99 1.91
C ASP A 159 19.82 14.23 2.80
N LEU A 160 18.56 14.68 2.81
CA LEU A 160 17.49 14.00 3.52
C LEU A 160 17.31 12.57 2.96
N ALA A 161 17.29 12.45 1.63
CA ALA A 161 17.27 11.15 0.99
C ALA A 161 18.43 10.23 1.41
N ASP A 162 19.66 10.78 1.53
CA ASP A 162 20.78 10.02 2.01
C ASP A 162 20.44 9.34 3.35
N GLU A 163 19.93 10.11 4.29
CA GLU A 163 19.68 9.60 5.65
C GLU A 163 18.45 8.67 5.64
N TYR A 164 17.47 8.99 4.79
CA TYR A 164 16.28 8.16 4.60
C TYR A 164 16.73 6.73 4.19
N LEU A 165 17.56 6.65 3.17
CA LEU A 165 18.17 5.38 2.74
C LEU A 165 19.02 4.73 3.83
N GLU A 166 19.79 5.54 4.58
CA GLU A 166 20.61 5.03 5.71
C GLU A 166 19.69 4.22 6.63
N VAL A 167 18.55 4.83 6.99
CA VAL A 167 17.54 4.24 7.90
C VAL A 167 16.96 2.94 7.32
N CYS A 168 16.55 3.00 6.05
CA CYS A 168 16.00 1.81 5.38
C CYS A 168 17.03 0.70 5.29
N TYR A 169 18.25 1.04 4.86
CA TYR A 169 19.33 0.02 4.83
C TYR A 169 19.55 -0.64 6.20
N LYS A 170 19.63 0.15 7.28
CA LYS A 170 19.78 -0.45 8.63
C LYS A 170 18.64 -1.41 8.99
N LEU A 171 17.40 -0.97 8.78
CA LEU A 171 16.21 -1.84 8.96
C LEU A 171 16.24 -3.13 8.13
N TRP A 172 16.51 -2.98 6.84
CA TRP A 172 16.43 -4.09 5.91
C TRP A 172 17.56 -5.10 5.98
N GLU A 173 18.77 -4.63 6.29
CA GLU A 173 20.01 -5.41 6.20
C GLU A 173 20.54 -5.78 7.56
N GLY A 174 20.33 -4.91 8.53
CA GLY A 174 21.02 -5.09 9.83
C GLY A 174 20.19 -5.45 11.05
N SER A 175 18.89 -5.17 11.02
CA SER A 175 18.11 -5.35 12.21
C SER A 175 17.90 -6.83 12.58
N TRP A 176 17.48 -7.65 11.63
CA TRP A 176 17.28 -9.08 11.85
C TRP A 176 18.40 -9.78 11.11
N GLU A 177 19.03 -10.74 11.77
CA GLU A 177 20.07 -11.56 11.18
C GLU A 177 19.47 -12.58 10.20
N ASP A 178 20.28 -13.06 9.26
CA ASP A 178 19.82 -14.00 8.23
C ASP A 178 18.86 -15.10 8.63
N ASN A 179 19.24 -15.82 9.67
CA ASN A 179 18.50 -16.98 10.12
C ASN A 179 17.82 -16.68 11.46
N ALA A 180 17.34 -15.46 11.64
CA ALA A 180 16.69 -15.07 12.89
C ALA A 180 15.46 -15.95 13.12
N VAL A 181 14.72 -16.18 12.03
CA VAL A 181 13.49 -16.96 12.12
C VAL A 181 13.83 -18.43 12.00
N ILE A 182 13.51 -19.21 13.02
CA ILE A 182 13.87 -20.63 13.02
C ILE A 182 12.65 -21.58 13.07
N ARG A 183 11.51 -21.06 13.53
CA ARG A 183 10.24 -21.83 13.55
C ARG A 183 10.45 -23.16 14.28
N ASP A 184 11.08 -23.07 15.46
CA ASP A 184 11.54 -24.23 16.22
C ASP A 184 10.44 -24.69 17.18
N ILE A 185 9.64 -25.66 16.76
CA ILE A 185 8.51 -26.14 17.54
C ILE A 185 8.96 -26.82 18.83
N GLU A 186 10.03 -27.63 18.74
CA GLU A 186 10.52 -28.36 19.90
C GLU A 186 10.86 -27.41 21.06
N ASN A 187 11.62 -26.36 20.77
CA ASN A 187 11.97 -25.38 21.77
C ASN A 187 11.03 -24.19 21.94
N ASN A 188 9.94 -24.17 21.18
CA ASN A 188 8.98 -23.07 21.15
C ASN A 188 9.66 -21.70 20.98
N ILE A 189 10.42 -21.59 19.90
CA ILE A 189 11.03 -20.32 19.53
C ILE A 189 10.71 -20.13 18.05
N TYR A 190 9.90 -19.13 17.73
CA TYR A 190 9.58 -18.85 16.34
C TYR A 190 10.75 -18.11 15.73
N THR A 191 11.13 -17.03 16.39
CA THR A 191 12.30 -16.19 16.04
C THR A 191 13.21 -16.12 17.26
N ASP A 192 14.49 -16.33 17.02
CA ASP A 192 15.54 -16.22 18.05
C ASP A 192 15.70 -14.76 18.47
N PRO A 193 15.33 -14.40 19.71
CA PRO A 193 15.32 -12.96 20.03
C PRO A 193 16.72 -12.31 20.11
N SER A 194 17.76 -13.13 20.22
CA SER A 194 19.13 -12.63 20.23
C SER A 194 19.59 -12.21 18.83
N LYS A 195 18.77 -12.52 17.81
CA LYS A 195 19.14 -12.25 16.43
C LYS A 195 18.23 -11.17 15.84
N VAL A 196 17.47 -10.49 16.69
CA VAL A 196 16.68 -9.34 16.31
C VAL A 196 17.22 -8.12 17.09
N HIS A 197 17.59 -7.06 16.36
CA HIS A 197 18.39 -5.95 16.92
C HIS A 197 17.80 -4.57 16.68
N GLU A 198 17.85 -3.71 17.71
CA GLU A 198 17.63 -2.27 17.52
C GLU A 198 18.68 -1.77 16.53
N ILE A 199 18.34 -0.75 15.76
CA ILE A 199 19.31 -0.14 14.84
C ILE A 199 19.95 1.11 15.43
N ASN A 200 19.29 1.70 16.42
CA ASN A 200 19.81 2.89 17.10
C ASN A 200 20.32 3.94 16.15
N HIS A 201 19.46 4.31 15.21
CA HIS A 201 19.78 5.34 14.26
C HIS A 201 19.49 6.71 14.86
N SER A 202 20.43 7.60 14.62
CA SER A 202 20.38 8.93 15.16
C SER A 202 21.05 9.82 14.13
N GLY A 203 20.32 10.75 13.53
CA GLY A 203 20.93 11.64 12.56
C GLY A 203 20.23 12.97 12.58
N LYS A 204 20.52 13.80 11.58
CA LYS A 204 19.95 15.12 11.48
C LYS A 204 18.42 15.14 11.30
N TYR A 205 17.92 14.23 10.44
CA TYR A 205 16.50 14.21 10.12
C TYR A 205 15.71 13.16 10.88
N PHE A 206 16.34 12.06 11.25
CA PHE A 206 15.64 10.91 11.84
C PHE A 206 16.27 10.39 13.12
N GLU A 207 15.41 9.89 13.97
CA GLU A 207 15.80 9.16 15.16
C GLU A 207 14.94 7.89 15.20
N VAL A 208 15.57 6.75 14.96
CA VAL A 208 14.87 5.47 14.80
C VAL A 208 15.63 4.38 15.54
N PRO A 209 15.22 4.11 16.79
CA PRO A 209 15.83 3.03 17.58
C PRO A 209 15.69 1.63 16.96
N GLY A 210 14.64 1.38 16.17
CA GLY A 210 14.49 0.02 15.59
C GLY A 210 13.84 -0.79 16.70
N PRO A 211 13.78 -2.12 16.55
CA PRO A 211 14.18 -2.95 15.41
C PRO A 211 13.16 -2.79 14.25
N HIS A 212 13.47 -3.39 13.12
CA HIS A 212 12.53 -3.45 12.02
C HIS A 212 11.36 -4.37 12.43
N LEU A 213 10.19 -4.12 11.85
CA LEU A 213 9.00 -4.92 12.15
C LEU A 213 8.94 -6.25 11.36
N CYS A 214 9.73 -6.35 10.29
CA CYS A 214 9.64 -7.47 9.35
C CYS A 214 10.85 -8.41 9.38
N GLU A 215 10.60 -9.67 9.10
CA GLU A 215 11.66 -10.66 9.04
C GLU A 215 12.37 -10.53 7.69
N PRO A 216 13.63 -11.03 7.60
CA PRO A 216 14.37 -11.00 6.30
C PRO A 216 13.56 -11.57 5.11
N SER A 217 13.54 -10.79 4.02
CA SER A 217 12.79 -11.14 2.82
C SER A 217 13.85 -11.52 1.76
N PRO A 218 13.43 -12.07 0.57
CA PRO A 218 14.42 -12.59 -0.40
C PRO A 218 15.55 -11.63 -0.81
N GLN A 219 15.22 -10.39 -1.14
CA GLN A 219 16.20 -9.38 -1.52
C GLN A 219 16.72 -8.55 -0.35
N ARG A 220 15.96 -8.55 0.74
CA ARG A 220 16.07 -7.63 1.89
C ARG A 220 15.85 -6.18 1.49
N THR A 221 16.84 -5.53 0.87
CA THR A 221 16.66 -4.19 0.28
C THR A 221 16.10 -4.37 -1.16
N PRO A 222 15.03 -3.62 -1.50
CA PRO A 222 14.52 -3.66 -2.91
C PRO A 222 15.64 -3.21 -3.87
N VAL A 223 15.60 -3.64 -5.13
CA VAL A 223 16.50 -3.10 -6.12
C VAL A 223 16.34 -1.60 -6.11
N ILE A 224 17.47 -0.88 -6.01
CA ILE A 224 17.43 0.59 -5.87
C ILE A 224 17.60 1.31 -7.20
N TYR A 225 16.54 1.95 -7.67
CA TYR A 225 16.60 2.83 -8.83
C TYR A 225 16.72 4.25 -8.38
N GLN A 226 17.23 5.09 -9.26
CA GLN A 226 17.26 6.52 -9.07
C GLN A 226 16.95 7.18 -10.41
N ALA A 227 16.25 8.30 -10.33
CA ALA A 227 15.96 9.14 -11.49
C ALA A 227 16.04 10.58 -10.94
N GLY A 228 16.83 11.43 -11.61
CA GLY A 228 17.10 12.81 -11.13
C GLY A 228 18.45 13.18 -11.68
N MET A 229 18.42 14.08 -12.66
CA MET A 229 19.59 14.38 -13.53
C MET A 229 20.48 15.55 -13.08
N SER A 230 20.02 16.27 -12.05
CA SER A 230 20.82 17.36 -11.46
C SER A 230 22.15 16.82 -11.01
N GLU A 231 23.12 17.71 -10.81
CA GLU A 231 24.44 17.25 -10.39
C GLU A 231 24.37 16.51 -9.05
N ARG A 232 23.57 17.03 -8.12
CA ARG A 232 23.34 16.39 -6.84
C ARG A 232 22.68 14.98 -7.01
N GLY A 233 21.68 14.91 -7.88
CA GLY A 233 21.03 13.66 -8.26
C GLY A 233 22.00 12.62 -8.82
N ARG A 234 22.89 13.04 -9.72
CA ARG A 234 23.86 12.10 -10.31
C ARG A 234 24.80 11.61 -9.26
N GLU A 235 25.15 12.50 -8.32
CA GLU A 235 26.00 12.09 -7.20
C GLU A 235 25.31 11.07 -6.31
N PHE A 236 24.01 11.31 -6.09
CA PHE A 236 23.16 10.41 -5.29
C PHE A 236 23.04 9.02 -5.92
N ALA A 237 22.73 8.99 -7.22
CA ALA A 237 22.82 7.80 -8.04
C ALA A 237 24.13 7.03 -7.89
N ALA A 238 25.27 7.74 -8.00
CA ALA A 238 26.61 7.13 -7.89
C ALA A 238 26.81 6.43 -6.56
N LYS A 239 26.30 7.07 -5.51
CA LYS A 239 26.42 6.56 -4.16
C LYS A 239 25.50 5.34 -3.91
N HIS A 240 24.25 5.38 -4.37
CA HIS A 240 23.23 4.40 -3.92
C HIS A 240 22.65 3.50 -4.99
N ALA A 241 22.43 4.05 -6.19
CA ALA A 241 21.60 3.37 -7.18
C ALA A 241 22.23 2.10 -7.81
N GLU A 242 21.43 1.06 -7.89
CA GLU A 242 21.80 -0.11 -8.70
C GLU A 242 21.36 0.06 -10.16
N CYS A 243 20.29 0.83 -10.39
CA CYS A 243 19.86 1.16 -11.73
C CYS A 243 19.53 2.64 -11.84
N VAL A 244 19.97 3.29 -12.91
CA VAL A 244 19.76 4.72 -13.08
C VAL A 244 18.92 4.96 -14.32
N PHE A 245 17.84 5.74 -14.16
CA PHE A 245 16.97 6.14 -15.28
C PHE A 245 17.46 7.55 -15.71
N LEU A 246 18.18 7.60 -16.82
CA LEU A 246 18.78 8.81 -17.37
C LEU A 246 17.88 9.52 -18.35
N GLY A 247 17.99 10.85 -18.35
CA GLY A 247 17.42 11.66 -19.43
C GLY A 247 18.42 11.74 -20.57
N GLY A 248 17.93 11.96 -21.79
CA GLY A 248 18.80 12.07 -22.96
C GLY A 248 18.30 11.22 -24.09
N LYS A 249 18.47 11.72 -25.32
CA LYS A 249 17.88 11.10 -26.52
C LYS A 249 18.88 10.74 -27.60
N ASP A 250 20.16 10.92 -27.32
CA ASP A 250 21.21 10.57 -28.30
C ASP A 250 22.46 10.00 -27.65
N VAL A 251 23.39 9.49 -28.45
CA VAL A 251 24.56 8.80 -27.88
C VAL A 251 25.42 9.76 -27.07
N GLU A 252 25.70 10.94 -27.65
CA GLU A 252 26.64 11.85 -27.01
C GLU A 252 26.19 12.20 -25.59
N THR A 253 24.89 12.48 -25.42
CA THR A 253 24.31 12.93 -24.14
C THR A 253 24.29 11.79 -23.13
N LEU A 254 23.72 10.68 -23.55
CA LEU A 254 23.63 9.48 -22.71
C LEU A 254 25.00 8.95 -22.30
N LYS A 255 25.96 8.97 -23.23
CA LYS A 255 27.29 8.47 -22.94
C LYS A 255 28.00 9.31 -21.89
N PHE A 256 27.82 10.63 -22.01
CA PHE A 256 28.35 11.59 -21.06
C PHE A 256 27.84 11.29 -19.66
N PHE A 257 26.53 11.06 -19.56
CA PHE A 257 25.93 10.85 -18.24
C PHE A 257 26.30 9.50 -17.64
N VAL A 258 26.37 8.46 -18.50
CA VAL A 258 26.77 7.12 -18.08
C VAL A 258 28.17 7.23 -17.49
N ASP A 259 29.06 7.88 -18.25
CA ASP A 259 30.48 8.01 -17.87
C ASP A 259 30.62 8.86 -16.59
N ASP A 260 29.79 9.90 -16.47
CA ASP A 260 29.81 10.82 -15.33
C ASP A 260 29.47 10.11 -14.03
N ILE A 261 28.37 9.37 -14.06
CA ILE A 261 27.97 8.59 -12.91
C ILE A 261 28.94 7.51 -12.55
N ARG A 262 29.47 6.79 -13.53
CA ARG A 262 30.49 5.77 -13.21
C ARG A 262 31.74 6.36 -12.56
N LYS A 263 32.14 7.55 -12.99
CA LYS A 263 33.29 8.22 -12.36
C LYS A 263 32.97 8.60 -10.94
N ARG A 264 31.78 9.16 -10.73
CA ARG A 264 31.35 9.57 -9.40
C ARG A 264 31.26 8.42 -8.41
N ALA A 265 31.01 7.20 -8.91
CA ALA A 265 30.85 6.03 -8.04
C ALA A 265 32.15 5.59 -7.36
N LYS A 266 33.31 5.88 -7.97
CA LYS A 266 34.62 5.38 -7.46
C LYS A 266 34.92 5.82 -6.03
N LYS A 267 34.66 7.09 -5.72
CA LYS A 267 34.97 7.62 -4.34
C LYS A 267 34.16 6.91 -3.24
N TYR A 268 33.04 6.26 -3.62
CA TYR A 268 32.26 5.49 -2.65
C TYR A 268 32.69 4.03 -2.61
N GLY A 269 33.72 3.69 -3.38
CA GLY A 269 34.28 2.35 -3.36
C GLY A 269 33.46 1.34 -4.17
N ARG A 270 32.62 1.86 -5.06
CA ARG A 270 31.70 1.03 -5.84
C ARG A 270 32.32 0.63 -7.16
N ASN A 271 32.12 -0.63 -7.53
CA ASN A 271 32.43 -1.09 -8.87
C ASN A 271 31.37 -0.52 -9.83
N PRO A 272 31.78 0.31 -10.79
CA PRO A 272 30.80 0.99 -11.67
C PRO A 272 29.94 0.02 -12.53
N ASP A 273 30.44 -1.19 -12.75
CA ASP A 273 29.71 -2.26 -13.42
C ASP A 273 28.57 -2.81 -12.53
N HIS A 274 28.46 -2.28 -11.31
CA HIS A 274 27.38 -2.68 -10.41
C HIS A 274 26.23 -1.66 -10.51
N ILE A 275 26.31 -0.76 -11.50
CA ILE A 275 25.25 0.20 -11.76
C ILE A 275 24.78 -0.06 -13.20
N LYS A 276 23.50 -0.32 -13.41
CA LYS A 276 22.93 -0.42 -14.76
C LYS A 276 22.32 0.90 -15.19
N MET A 277 22.49 1.23 -16.47
CA MET A 277 22.07 2.53 -17.00
C MET A 277 20.90 2.29 -17.94
N PHE A 278 19.79 3.01 -17.70
CA PHE A 278 18.53 2.88 -18.44
C PHE A 278 18.20 4.22 -19.14
N ALA A 279 17.88 4.16 -20.44
CA ALA A 279 17.42 5.31 -21.18
C ALA A 279 15.92 5.21 -21.40
N GLY A 280 15.25 6.33 -21.61
CA GLY A 280 13.85 6.29 -22.06
C GLY A 280 13.85 6.09 -23.57
N ILE A 281 12.78 5.49 -24.10
CA ILE A 281 12.59 5.38 -25.54
C ILE A 281 11.09 5.28 -25.82
N CYS A 282 10.65 5.97 -26.86
CA CYS A 282 9.30 5.81 -27.37
C CYS A 282 9.42 5.09 -28.72
N VAL A 283 8.60 4.07 -28.92
CA VAL A 283 8.73 3.23 -30.10
C VAL A 283 7.39 3.28 -30.83
N ILE A 284 7.43 3.59 -32.13
CA ILE A 284 6.25 3.48 -32.97
C ILE A 284 6.68 2.57 -34.11
N VAL A 285 6.13 1.37 -34.13
CA VAL A 285 6.62 0.31 -35.01
C VAL A 285 5.51 -0.22 -35.94
N GLY A 286 5.90 -0.59 -37.16
CA GLY A 286 5.00 -1.25 -38.11
C GLY A 286 5.75 -2.26 -38.96
N LYS A 287 5.02 -3.09 -39.68
CA LYS A 287 5.63 -4.07 -40.57
C LYS A 287 6.36 -3.38 -41.72
N THR A 288 5.90 -2.18 -42.04
CA THR A 288 6.50 -1.40 -43.11
C THR A 288 6.66 0.00 -42.59
N HIS A 289 7.52 0.79 -43.24
CA HIS A 289 7.68 2.16 -42.82
C HIS A 289 6.34 2.92 -42.84
N ASP A 290 5.56 2.75 -43.91
CA ASP A 290 4.26 3.47 -44.06
C ASP A 290 3.31 3.19 -42.87
N GLU A 291 3.26 1.92 -42.44
CA GLU A 291 2.49 1.54 -41.25
C GLU A 291 2.90 2.32 -40.01
N ALA A 292 4.21 2.36 -39.74
CA ALA A 292 4.76 3.15 -38.65
C ALA A 292 4.36 4.61 -38.77
N MET A 293 4.52 5.20 -39.97
CA MET A 293 4.28 6.62 -40.16
C MET A 293 2.78 6.91 -39.97
N GLU A 294 1.95 5.94 -40.32
CA GLU A 294 0.51 6.13 -40.18
C GLU A 294 0.11 6.26 -38.70
N LYS A 295 0.75 5.46 -37.83
CA LYS A 295 0.53 5.53 -36.39
C LYS A 295 1.03 6.86 -35.89
N LEU A 296 2.25 7.24 -36.31
CA LEU A 296 2.83 8.51 -35.91
C LEU A 296 1.91 9.69 -36.20
N ASN A 297 1.35 9.70 -37.40
CA ASN A 297 0.51 10.82 -37.86
C ASN A 297 -0.81 10.86 -37.05
N SER A 298 -1.33 9.68 -36.69
CA SER A 298 -2.51 9.54 -35.83
C SER A 298 -2.31 10.11 -34.43
N PHE A 299 -1.17 9.80 -33.82
CA PHE A 299 -0.86 10.27 -32.46
C PHE A 299 -0.61 11.75 -32.44
N GLN A 300 -0.01 12.26 -33.51
CA GLN A 300 0.32 13.67 -33.62
C GLN A 300 -0.93 14.51 -33.55
N LYS A 301 -2.01 14.08 -34.22
CA LYS A 301 -3.34 14.73 -34.19
C LYS A 301 -3.86 14.98 -32.76
N TYR A 302 -3.60 14.03 -31.85
CA TYR A 302 -4.04 14.10 -30.44
C TYR A 302 -3.08 14.74 -29.45
N TRP A 303 -1.85 15.06 -29.89
CA TRP A 303 -0.82 15.64 -29.01
C TRP A 303 -1.30 17.00 -28.56
N SER A 304 -1.42 17.17 -27.23
CA SER A 304 -1.98 18.39 -26.67
C SER A 304 -0.90 19.29 -26.14
N LEU A 305 -0.62 20.35 -26.90
CA LEU A 305 0.37 21.35 -26.50
C LEU A 305 0.13 21.86 -25.07
N GLU A 306 -1.13 22.15 -24.75
CA GLU A 306 -1.46 22.71 -23.45
C GLU A 306 -1.17 21.76 -22.27
N GLY A 307 -1.47 20.48 -22.46
CA GLY A 307 -1.09 19.45 -21.49
C GLY A 307 0.41 19.37 -21.30
N HIS A 308 1.14 19.37 -22.43
CA HIS A 308 2.62 19.44 -22.32
C HIS A 308 3.15 20.68 -21.65
N LEU A 309 2.55 21.84 -21.91
CA LEU A 309 2.98 23.04 -21.17
C LEU A 309 2.81 22.89 -19.67
N ALA A 310 1.69 22.29 -19.25
CA ALA A 310 1.44 22.05 -17.82
C ALA A 310 2.53 21.14 -17.23
N HIS A 311 2.87 20.09 -17.97
CA HIS A 311 3.88 19.12 -17.51
C HIS A 311 5.24 19.77 -17.37
N TYR A 312 5.61 20.51 -18.40
CA TYR A 312 6.86 21.27 -18.45
C TYR A 312 6.95 22.22 -17.26
N GLY A 313 5.86 22.94 -16.96
CA GLY A 313 5.83 23.84 -15.82
C GLY A 313 6.16 23.18 -14.49
N GLY A 314 5.41 22.13 -14.14
CA GLY A 314 5.71 21.37 -12.93
C GLY A 314 7.12 20.80 -12.94
N GLY A 315 7.53 20.21 -14.05
CA GLY A 315 8.87 19.57 -14.16
C GLY A 315 10.07 20.52 -14.08
N THR A 316 9.93 21.71 -14.68
CA THR A 316 11.01 22.72 -14.75
C THR A 316 10.86 23.87 -13.75
N GLY A 317 9.62 24.16 -13.38
CA GLY A 317 9.38 25.32 -12.52
C GLY A 317 9.10 26.60 -13.30
N TYR A 318 9.26 26.53 -14.64
CA TYR A 318 9.01 27.63 -15.56
C TYR A 318 7.57 27.64 -16.08
N ASP A 319 6.87 28.73 -15.75
CA ASP A 319 5.55 28.99 -16.30
C ASP A 319 5.66 29.80 -17.61
N LEU A 320 5.56 29.12 -18.75
CA LEU A 320 5.81 29.78 -20.05
C LEU A 320 4.74 30.79 -20.51
N SER A 321 3.63 30.87 -19.77
CA SER A 321 2.52 31.76 -20.14
C SER A 321 2.96 33.15 -19.79
N LYS A 322 3.86 33.21 -18.81
CA LYS A 322 4.56 34.39 -18.31
C LYS A 322 5.68 34.95 -19.20
N TYR A 323 5.76 34.51 -20.45
CA TYR A 323 6.91 34.82 -21.29
C TYR A 323 6.47 35.28 -22.65
N SER A 324 7.15 36.29 -23.19
CA SER A 324 7.05 36.60 -24.61
C SER A 324 7.62 35.43 -25.42
N SER A 325 7.05 35.21 -26.59
CA SER A 325 7.64 34.38 -27.63
C SER A 325 9.17 34.59 -27.74
N ASN A 326 9.62 35.81 -27.43
CA ASN A 326 10.99 36.29 -27.67
C ASN A 326 11.92 36.35 -26.47
N ASP A 327 11.46 35.88 -25.32
CA ASP A 327 12.35 35.77 -24.14
C ASP A 327 13.24 34.52 -24.23
N TYR A 328 14.21 34.38 -23.33
CA TYR A 328 15.21 33.31 -23.37
C TYR A 328 15.29 32.54 -22.05
N ILE A 329 15.19 31.20 -22.13
CA ILE A 329 15.34 30.39 -20.91
C ILE A 329 16.69 29.66 -20.81
N GLY A 330 17.05 28.89 -21.84
CA GLY A 330 18.38 28.29 -21.90
C GLY A 330 19.22 29.18 -22.78
N SER A 331 19.24 28.85 -24.06
CA SER A 331 19.80 29.70 -25.10
C SER A 331 18.78 29.68 -26.20
N ILE A 332 17.64 29.06 -25.86
CA ILE A 332 16.51 28.87 -26.74
C ILE A 332 15.53 29.98 -26.41
N SER A 333 14.95 30.59 -27.44
CA SER A 333 13.84 31.48 -27.23
C SER A 333 12.68 30.66 -26.65
N VAL A 334 11.74 31.32 -25.98
CA VAL A 334 10.53 30.68 -25.45
C VAL A 334 9.63 30.22 -26.60
N GLY A 335 9.68 30.92 -27.73
CA GLY A 335 8.93 30.51 -28.90
C GLY A 335 9.40 29.18 -29.45
N GLU A 336 10.69 28.90 -29.31
CA GLU A 336 11.27 27.67 -29.84
C GLU A 336 11.09 26.49 -28.89
N ILE A 337 11.20 26.74 -27.58
CA ILE A 337 10.85 25.76 -26.55
C ILE A 337 9.44 25.23 -26.80
N ILE A 338 8.50 26.16 -27.05
CA ILE A 338 7.09 25.83 -27.26
C ILE A 338 6.85 25.10 -28.58
N ASN A 339 7.53 25.52 -29.63
CA ASN A 339 7.45 24.82 -30.93
C ASN A 339 8.00 23.37 -30.91
N ASN A 340 9.07 23.14 -30.15
CA ASN A 340 9.65 21.80 -29.96
C ASN A 340 8.68 20.89 -29.20
N MET A 341 7.89 21.52 -28.34
CA MET A 341 6.98 20.84 -27.45
C MET A 341 5.69 20.36 -28.13
N SER A 342 5.31 20.96 -29.26
CA SER A 342 4.12 20.49 -29.98
C SER A 342 4.44 19.36 -30.96
N LYS A 343 5.66 18.81 -30.85
CA LYS A 343 6.11 17.69 -31.67
C LYS A 343 6.38 16.42 -30.82
N LEU A 344 6.09 15.23 -31.39
CA LEU A 344 6.20 13.95 -30.68
C LEU A 344 7.61 13.55 -30.22
N ASP A 345 8.62 14.01 -30.95
CA ASP A 345 10.02 13.72 -30.59
C ASP A 345 10.74 14.88 -29.90
N GLY A 346 9.96 15.81 -29.33
CA GLY A 346 10.53 16.95 -28.63
C GLY A 346 10.88 16.69 -27.16
N LYS A 347 10.51 15.50 -26.65
CA LYS A 347 10.73 15.14 -25.25
C LYS A 347 12.20 14.73 -25.01
N TRP A 348 12.58 14.47 -23.76
CA TRP A 348 13.98 14.12 -23.49
C TRP A 348 14.32 12.62 -23.65
N PHE A 349 13.47 11.90 -24.39
CA PHE A 349 13.66 10.49 -24.77
C PHE A 349 13.79 10.33 -26.27
N LYS A 350 14.62 9.38 -26.68
CA LYS A 350 14.66 8.92 -28.06
C LYS A 350 13.24 8.50 -28.57
N LEU A 351 12.91 8.98 -29.77
CA LEU A 351 11.77 8.45 -30.51
C LEU A 351 12.24 7.58 -31.67
N SER A 352 11.90 6.29 -31.64
CA SER A 352 12.22 5.41 -32.75
C SER A 352 10.96 5.02 -33.58
N VAL A 353 10.95 5.35 -34.87
CA VAL A 353 9.79 5.12 -35.70
C VAL A 353 10.18 4.28 -36.91
N GLY A 354 9.48 3.17 -37.17
CA GLY A 354 9.77 2.42 -38.39
C GLY A 354 9.49 0.95 -38.22
N THR A 355 10.22 0.14 -38.96
CA THR A 355 10.06 -1.32 -38.92
C THR A 355 10.80 -1.87 -37.71
N PRO A 356 10.52 -3.14 -37.32
CA PRO A 356 11.26 -3.74 -36.20
C PRO A 356 12.77 -3.81 -36.39
N LYS A 357 13.24 -4.03 -37.63
CA LYS A 357 14.67 -4.04 -37.87
C LYS A 357 15.27 -2.69 -37.47
N LYS A 358 14.65 -1.62 -37.94
CA LYS A 358 15.11 -0.25 -37.59
C LYS A 358 15.07 0.03 -36.09
N VAL A 359 13.95 -0.28 -35.44
CA VAL A 359 13.85 0.01 -33.97
C VAL A 359 14.97 -0.70 -33.23
N ALA A 360 15.14 -1.97 -33.55
CA ALA A 360 16.16 -2.78 -32.95
C ALA A 360 17.57 -2.24 -33.20
N ASP A 361 17.81 -1.87 -34.47
CA ASP A 361 19.09 -1.18 -34.84
C ASP A 361 19.39 0.05 -33.94
N GLU A 362 18.38 0.89 -33.78
CA GLU A 362 18.53 2.13 -33.00
C GLU A 362 18.70 1.85 -31.52
N MET A 363 17.95 0.86 -31.02
CA MET A 363 18.15 0.40 -29.64
C MET A 363 19.54 -0.12 -29.43
N GLN A 364 19.95 -0.99 -30.34
CA GLN A 364 21.27 -1.60 -30.29
C GLN A 364 22.39 -0.54 -30.35
N TYR A 365 22.17 0.53 -31.15
CA TYR A 365 23.18 1.58 -31.31
C TYR A 365 23.45 2.28 -29.97
N LEU A 366 22.38 2.65 -29.29
CA LEU A 366 22.48 3.29 -27.96
C LEU A 366 23.18 2.40 -26.96
N VAL A 367 22.75 1.13 -26.91
CA VAL A 367 23.41 0.15 -26.04
C VAL A 367 24.92 0.07 -26.30
N GLU A 368 25.29 -0.16 -27.55
CA GLU A 368 26.69 -0.40 -27.92
C GLU A 368 27.56 0.86 -27.91
N GLU A 369 26.98 1.99 -28.28
CA GLU A 369 27.78 3.20 -28.39
C GLU A 369 27.70 4.09 -27.16
N ALA A 370 26.58 4.09 -26.44
CA ALA A 370 26.46 4.95 -25.22
C ALA A 370 26.73 4.22 -23.89
N GLY A 371 26.83 2.89 -23.96
CA GLY A 371 26.97 2.08 -22.77
C GLY A 371 25.71 1.96 -21.96
N ILE A 372 24.57 2.05 -22.62
CA ILE A 372 23.35 1.89 -21.85
C ILE A 372 23.01 0.36 -21.71
N ASP A 373 22.35 -0.01 -20.61
CA ASP A 373 22.07 -1.41 -20.31
C ASP A 373 20.63 -1.79 -20.59
N GLY A 374 19.74 -0.82 -20.64
CA GLY A 374 18.33 -1.10 -20.83
C GLY A 374 17.53 0.15 -21.13
N PHE A 375 16.23 -0.03 -21.31
CA PHE A 375 15.32 1.04 -21.64
C PHE A 375 14.07 1.00 -20.79
N ASN A 376 13.56 2.19 -20.49
CA ASN A 376 12.17 2.30 -20.03
C ASN A 376 11.34 2.66 -21.24
N LEU A 377 10.43 1.76 -21.63
CA LEU A 377 9.57 1.99 -22.77
C LEU A 377 8.36 2.91 -22.42
N VAL A 378 8.38 4.09 -23.04
CA VAL A 378 7.40 5.13 -22.85
C VAL A 378 6.22 4.86 -23.79
N GLN A 379 5.00 5.07 -23.28
CA GLN A 379 3.77 4.82 -24.06
C GLN A 379 3.21 6.08 -24.74
N TYR A 380 2.76 5.92 -25.98
CA TYR A 380 1.90 6.91 -26.61
C TYR A 380 0.44 6.49 -26.50
N VAL A 381 0.20 5.18 -26.57
CA VAL A 381 -1.16 4.66 -26.41
C VAL A 381 -1.10 3.37 -25.60
N SER A 382 -2.11 3.16 -24.76
CA SER A 382 -2.27 1.92 -23.99
C SER A 382 -3.45 1.08 -24.50
N PRO A 383 -3.21 -0.21 -24.77
CA PRO A 383 -1.95 -0.95 -24.69
C PRO A 383 -1.18 -1.04 -26.01
N GLY A 384 -1.58 -0.27 -27.02
CA GLY A 384 -0.99 -0.35 -28.35
C GLY A 384 0.54 -0.25 -28.37
N THR A 385 1.14 0.74 -27.70
CA THR A 385 2.63 0.73 -27.79
C THR A 385 3.27 -0.55 -27.29
N PHE A 386 2.82 -1.05 -26.14
CA PHE A 386 3.40 -2.28 -25.59
C PHE A 386 3.07 -3.49 -26.49
N VAL A 387 1.83 -3.59 -26.95
CA VAL A 387 1.40 -4.69 -27.83
C VAL A 387 2.23 -4.74 -29.13
N ASP A 388 2.34 -3.60 -29.81
CA ASP A 388 3.17 -3.53 -31.04
C ASP A 388 4.63 -3.87 -30.75
N PHE A 389 5.16 -3.37 -29.63
CA PHE A 389 6.54 -3.68 -29.25
C PHE A 389 6.73 -5.20 -29.07
N ILE A 390 5.82 -5.82 -28.32
CA ILE A 390 5.85 -7.25 -28.10
C ILE A 390 5.64 -8.07 -29.38
N GLU A 391 4.68 -7.69 -30.20
CA GLU A 391 4.43 -8.49 -31.42
C GLU A 391 5.52 -8.36 -32.47
N LEU A 392 6.08 -7.16 -32.64
CA LEU A 392 7.02 -6.84 -33.74
C LEU A 392 8.50 -6.66 -33.34
N VAL A 393 8.78 -5.92 -32.28
CA VAL A 393 10.18 -5.67 -31.94
C VAL A 393 10.82 -6.82 -31.16
N VAL A 394 10.06 -7.39 -30.22
CA VAL A 394 10.61 -8.43 -29.34
C VAL A 394 11.21 -9.63 -30.14
N PRO A 395 10.47 -10.19 -31.13
CA PRO A 395 11.04 -11.34 -31.88
C PRO A 395 12.32 -10.95 -32.68
N GLU A 396 12.35 -9.71 -33.18
CA GLU A 396 13.52 -9.17 -33.87
C GLU A 396 14.73 -9.08 -32.93
N LEU A 397 14.53 -8.50 -31.75
CA LEU A 397 15.55 -8.47 -30.72
C LEU A 397 16.01 -9.88 -30.31
N GLN A 398 15.06 -10.79 -30.12
CA GLN A 398 15.36 -12.17 -29.70
C GLN A 398 16.22 -12.96 -30.71
N LYS A 399 15.85 -12.87 -31.99
CA LYS A 399 16.57 -13.52 -33.09
C LYS A 399 18.04 -13.03 -33.15
N ARG A 400 18.25 -11.77 -32.79
CA ARG A 400 19.58 -11.18 -32.81
C ARG A 400 20.43 -11.39 -31.57
N GLY A 401 19.90 -12.09 -30.58
CA GLY A 401 20.60 -12.27 -29.30
C GLY A 401 20.59 -11.04 -28.39
N LEU A 402 19.66 -10.12 -28.62
CA LEU A 402 19.67 -8.82 -27.92
C LEU A 402 18.64 -8.71 -26.78
N TYR A 403 17.91 -9.80 -26.53
CA TYR A 403 16.79 -9.74 -25.61
C TYR A 403 16.40 -11.15 -25.26
N ARG A 404 16.02 -11.34 -23.99
CA ARG A 404 15.82 -12.70 -23.45
C ARG A 404 14.72 -13.43 -24.20
N VAL A 405 14.94 -14.70 -24.48
CA VAL A 405 13.85 -15.47 -25.01
C VAL A 405 12.96 -16.03 -23.92
N ASP A 406 13.53 -16.15 -22.72
CA ASP A 406 12.71 -16.45 -21.54
C ASP A 406 13.49 -16.08 -20.30
N TYR A 407 12.81 -15.99 -19.18
CA TYR A 407 13.37 -15.41 -17.95
C TYR A 407 14.41 -16.30 -17.26
N GLU A 408 15.39 -15.66 -16.60
CA GLU A 408 16.28 -16.38 -15.66
C GLU A 408 15.54 -16.59 -14.34
N GLU A 409 15.91 -17.62 -13.58
CA GLU A 409 15.22 -17.75 -12.31
C GLU A 409 15.88 -16.94 -11.21
N GLY A 410 15.04 -16.53 -10.28
CA GLY A 410 15.52 -15.84 -9.11
C GLY A 410 14.81 -14.52 -8.86
N THR A 411 15.33 -13.82 -7.87
CA THR A 411 14.87 -12.47 -7.56
C THR A 411 15.15 -11.49 -8.72
N TYR A 412 14.53 -10.32 -8.66
CA TYR A 412 14.82 -9.28 -9.66
C TYR A 412 16.32 -8.89 -9.62
N ARG A 413 16.91 -8.77 -8.43
CA ARG A 413 18.35 -8.42 -8.40
C ARG A 413 19.19 -9.47 -9.17
N GLU A 414 18.79 -10.73 -9.06
CA GLU A 414 19.50 -11.80 -9.81
C GLU A 414 19.28 -11.73 -11.32
N LYS A 415 18.07 -11.34 -11.75
CA LYS A 415 17.76 -11.10 -13.17
C LYS A 415 18.63 -9.97 -13.72
N LEU A 416 19.03 -9.06 -12.84
CA LEU A 416 19.84 -7.91 -13.25
C LEU A 416 21.36 -8.21 -13.16
N PHE A 417 21.80 -8.85 -12.06
CA PHE A 417 23.23 -8.91 -11.71
C PHE A 417 23.76 -10.36 -11.65
N GLY A 418 22.90 -11.34 -11.89
CA GLY A 418 23.33 -12.74 -11.94
C GLY A 418 22.84 -13.63 -10.82
N LYS A 419 22.63 -14.90 -11.15
CA LYS A 419 22.18 -15.92 -10.20
C LYS A 419 23.09 -15.90 -8.97
N GLY A 420 22.51 -15.96 -7.77
CA GLY A 420 23.25 -15.83 -6.49
C GLY A 420 23.42 -14.42 -5.97
N ASN A 421 23.26 -13.41 -6.84
CA ASN A 421 23.28 -12.02 -6.39
C ASN A 421 21.89 -11.52 -6.00
N TYR A 422 21.28 -12.18 -5.01
CA TYR A 422 19.96 -11.78 -4.57
C TYR A 422 20.02 -10.64 -3.57
N ARG A 423 21.11 -10.57 -2.80
CA ARG A 423 21.32 -9.41 -1.93
C ARG A 423 22.37 -8.46 -2.50
N LEU A 424 22.34 -7.20 -2.02
CA LEU A 424 23.27 -6.15 -2.42
C LEU A 424 24.73 -6.60 -2.34
N PRO A 425 25.56 -6.21 -3.34
CA PRO A 425 26.95 -6.74 -3.33
C PRO A 425 27.76 -6.12 -2.23
N ASP A 426 28.92 -6.71 -1.93
CA ASP A 426 29.79 -6.25 -0.84
C ASP A 426 30.22 -4.79 -1.00
N ASP A 427 30.29 -4.31 -2.24
CA ASP A 427 30.78 -2.93 -2.47
C ASP A 427 29.71 -1.83 -2.41
N HIS A 428 28.44 -2.23 -2.35
CA HIS A 428 27.35 -1.28 -2.05
C HIS A 428 27.42 -0.76 -0.59
N ILE A 429 27.11 0.51 -0.36
CA ILE A 429 27.21 1.09 1.02
C ILE A 429 26.28 0.46 2.10
N ALA A 430 25.12 -0.03 1.70
CA ALA A 430 24.21 -0.75 2.57
C ALA A 430 24.82 -2.01 3.20
N ALA A 431 25.80 -2.62 2.51
CA ALA A 431 26.44 -3.83 2.99
C ALA A 431 27.17 -3.64 4.32
N ARG A 432 27.51 -2.38 4.61
CA ARG A 432 28.10 -1.95 5.91
C ARG A 432 27.27 -2.35 7.12
N TYR A 433 25.95 -2.45 6.95
CA TYR A 433 25.06 -2.66 8.11
C TYR A 433 24.72 -4.10 8.42
N ARG A 434 25.32 -5.03 7.69
CA ARG A 434 25.05 -6.44 7.93
C ARG A 434 25.51 -7.07 9.26
N ASN A 435 26.57 -6.56 9.89
CA ASN A 435 27.02 -7.23 11.15
C ASN A 435 27.32 -6.36 12.37
N LYS B 3 -31.90 -8.94 9.13
CA LYS B 3 -31.96 -10.04 10.15
C LYS B 3 -30.81 -11.03 9.99
N LYS B 4 -30.00 -10.83 8.96
CA LYS B 4 -28.78 -11.62 8.80
C LYS B 4 -27.67 -11.09 9.73
N ILE B 5 -26.90 -12.00 10.30
CA ILE B 5 -25.76 -11.68 11.17
C ILE B 5 -24.57 -11.48 10.22
N HIS B 6 -24.03 -10.27 10.22
CA HIS B 6 -22.80 -9.97 9.43
C HIS B 6 -21.59 -10.65 10.04
N ILE B 7 -20.87 -11.44 9.24
CA ILE B 7 -19.70 -12.14 9.71
C ILE B 7 -18.47 -11.67 8.94
N ASN B 8 -17.47 -11.22 9.69
CA ASN B 8 -16.15 -10.89 9.15
C ASN B 8 -15.12 -11.93 9.62
N ALA B 9 -14.14 -12.24 8.77
CA ALA B 9 -13.03 -13.09 9.15
C ALA B 9 -11.98 -12.19 9.81
N PHE B 10 -11.63 -12.49 11.09
CA PHE B 10 -10.63 -11.70 11.81
C PHE B 10 -9.20 -12.21 11.50
N GLU B 11 -8.37 -11.32 10.98
CA GLU B 11 -7.04 -11.67 10.53
C GLU B 11 -6.06 -10.57 10.88
N MET B 12 -4.78 -10.87 10.70
CA MET B 12 -3.70 -9.89 10.77
C MET B 12 -2.50 -10.40 9.96
N ASN B 13 -1.79 -9.45 9.34
CA ASN B 13 -0.69 -9.78 8.47
C ASN B 13 0.60 -10.09 9.30
N CYS B 14 0.58 -11.23 10.01
CA CYS B 14 1.65 -11.63 10.90
C CYS B 14 1.48 -13.11 11.24
N VAL B 15 2.33 -13.60 12.15
CA VAL B 15 2.30 -15.02 12.59
C VAL B 15 1.27 -15.22 13.72
N GLY B 16 1.58 -14.67 14.92
CA GLY B 16 0.70 -14.82 16.10
C GLY B 16 -0.15 -13.57 16.27
N HIS B 17 -1.46 -13.73 16.09
CA HIS B 17 -2.41 -12.63 16.14
C HIS B 17 -3.11 -12.62 17.52
N ILE B 18 -4.07 -13.53 17.72
CA ILE B 18 -4.78 -13.67 19.00
C ILE B 18 -4.40 -14.95 19.78
N ALA B 19 -4.35 -16.08 19.09
CA ALA B 19 -4.23 -17.36 19.78
C ALA B 19 -2.76 -17.76 19.89
N HIS B 20 -2.07 -17.20 20.87
CA HIS B 20 -0.63 -17.41 20.97
C HIS B 20 -0.20 -18.83 21.33
N GLY B 21 0.88 -19.27 20.70
CA GLY B 21 1.36 -20.65 20.79
C GLY B 21 0.91 -21.58 19.66
N LEU B 22 -0.21 -21.23 19.03
CA LEU B 22 -0.91 -22.11 18.10
C LEU B 22 -0.24 -22.22 16.75
N TRP B 23 0.72 -21.33 16.46
CA TRP B 23 1.50 -21.49 15.23
C TRP B 23 2.10 -22.91 15.12
N ARG B 24 2.31 -23.56 16.27
CA ARG B 24 2.94 -24.88 16.38
C ARG B 24 1.97 -26.00 16.06
N HIS B 25 0.67 -25.69 16.02
CA HIS B 25 -0.33 -26.74 15.79
C HIS B 25 -0.20 -27.34 14.38
N PRO B 26 -0.16 -28.67 14.31
CA PRO B 26 -0.01 -29.39 13.04
C PRO B 26 -0.82 -28.90 11.86
N GLU B 27 -2.05 -28.46 11.95
CA GLU B 27 -2.43 -28.08 10.55
C GLU B 27 -2.51 -26.59 10.29
N ASN B 28 -1.77 -25.83 11.10
CA ASN B 28 -1.76 -24.36 11.03
C ASN B 28 -0.92 -23.84 9.87
N GLN B 29 -1.28 -22.65 9.39
CA GLN B 29 -0.66 -22.00 8.22
C GLN B 29 -0.19 -20.56 8.52
N ARG B 30 0.05 -20.23 9.80
CA ARG B 30 0.49 -18.87 10.17
C ARG B 30 1.83 -18.51 9.50
N HIS B 31 2.69 -19.50 9.32
CA HIS B 31 4.00 -19.31 8.65
C HIS B 31 3.82 -18.97 7.14
N ARG B 32 2.59 -19.05 6.64
CA ARG B 32 2.33 -18.68 5.26
C ARG B 32 1.97 -17.20 5.09
N TYR B 33 2.02 -16.38 6.15
CA TYR B 33 1.57 -14.96 6.07
C TYR B 33 2.40 -14.19 5.03
N THR B 34 3.63 -14.67 4.78
CA THR B 34 4.51 -14.05 3.78
C THR B 34 4.17 -14.47 2.32
N ASP B 35 3.25 -15.44 2.16
CA ASP B 35 2.97 -16.06 0.85
C ASP B 35 1.74 -15.37 0.34
N LEU B 36 1.88 -14.61 -0.76
CA LEU B 36 0.71 -13.99 -1.39
C LEU B 36 -0.41 -15.01 -1.66
N ASN B 37 -0.06 -16.25 -2.02
CA ASN B 37 -1.12 -17.24 -2.29
C ASN B 37 -1.97 -17.62 -1.10
N TYR B 38 -1.41 -17.59 0.11
CA TYR B 38 -2.23 -17.79 1.33
C TYR B 38 -3.45 -16.82 1.31
N TRP B 39 -3.17 -15.55 1.01
CA TRP B 39 -4.14 -14.43 1.09
C TRP B 39 -5.21 -14.54 0.01
N THR B 40 -4.81 -14.88 -1.21
CA THR B 40 -5.80 -15.02 -2.31
C THR B 40 -6.67 -16.27 -2.05
N GLU B 41 -6.05 -17.37 -1.65
CA GLU B 41 -6.78 -18.57 -1.27
C GLU B 41 -7.73 -18.29 -0.13
N LEU B 42 -7.27 -17.59 0.90
CA LEU B 42 -8.16 -17.16 2.00
C LEU B 42 -9.36 -16.33 1.49
N ALA B 43 -9.10 -15.32 0.67
CA ALA B 43 -10.20 -14.45 0.17
C ALA B 43 -11.20 -15.32 -0.63
N GLN B 44 -10.69 -16.25 -1.45
CA GLN B 44 -11.54 -17.18 -2.21
C GLN B 44 -12.37 -18.08 -1.26
N LEU B 45 -11.73 -18.62 -0.22
CA LEU B 45 -12.42 -19.38 0.82
C LEU B 45 -13.58 -18.59 1.43
N LEU B 46 -13.29 -17.35 1.84
CA LEU B 46 -14.28 -16.54 2.55
C LEU B 46 -15.47 -16.14 1.65
N GLU B 47 -15.19 -15.84 0.39
CA GLU B 47 -16.26 -15.55 -0.56
C GLU B 47 -17.14 -16.80 -0.80
N LYS B 48 -16.53 -17.96 -1.02
CA LYS B 48 -17.27 -19.25 -1.04
C LYS B 48 -18.17 -19.41 0.21
N GLY B 49 -17.65 -19.03 1.37
CA GLY B 49 -18.41 -19.04 2.63
C GLY B 49 -19.40 -17.93 2.88
N LYS B 50 -19.55 -17.00 1.92
CA LYS B 50 -20.45 -15.84 2.01
C LYS B 50 -20.17 -14.86 3.15
N PHE B 51 -18.89 -14.75 3.51
CA PHE B 51 -18.50 -13.80 4.53
C PHE B 51 -18.77 -12.40 4.04
N ASP B 52 -19.15 -11.50 4.96
CA ASP B 52 -19.15 -10.08 4.61
C ASP B 52 -17.77 -9.60 4.16
N ALA B 53 -16.76 -9.82 5.00
CA ALA B 53 -15.47 -9.15 4.81
C ALA B 53 -14.36 -9.87 5.50
N LEU B 54 -13.14 -9.52 5.08
CA LEU B 54 -11.90 -9.86 5.76
C LEU B 54 -11.53 -8.67 6.58
N PHE B 55 -11.32 -8.87 7.88
CA PHE B 55 -11.08 -7.74 8.79
C PHE B 55 -9.62 -7.82 9.28
N LEU B 56 -8.77 -6.91 8.83
CA LEU B 56 -7.35 -6.95 9.19
C LEU B 56 -6.98 -6.03 10.36
N ALA B 57 -6.53 -6.63 11.47
CA ALA B 57 -5.94 -5.86 12.59
C ALA B 57 -4.57 -5.38 12.14
N ASP B 58 -3.97 -4.46 12.89
CA ASP B 58 -2.60 -4.06 12.61
C ASP B 58 -1.99 -3.36 13.83
N VAL B 59 -0.66 -3.41 13.91
CA VAL B 59 0.07 -2.58 14.85
C VAL B 59 1.35 -2.16 14.15
N VAL B 60 1.90 -1.03 14.60
CA VAL B 60 3.22 -0.60 14.12
C VAL B 60 4.16 -0.45 15.30
N GLY B 61 3.67 -0.81 16.49
CA GLY B 61 4.53 -0.92 17.68
C GLY B 61 4.78 -2.38 18.00
N ILE B 62 5.56 -2.60 19.07
CA ILE B 62 6.05 -3.91 19.45
C ILE B 62 5.62 -4.22 20.89
N TYR B 63 5.27 -5.47 21.12
CA TYR B 63 4.79 -5.88 22.43
C TYR B 63 6.04 -6.08 23.33
N ASP B 64 6.46 -5.00 23.98
CA ASP B 64 7.70 -5.01 24.80
C ASP B 64 7.47 -4.63 26.28
N VAL B 65 6.24 -4.83 26.73
CA VAL B 65 5.86 -4.48 28.13
C VAL B 65 6.10 -5.63 29.08
N TYR B 66 5.61 -6.81 28.71
CA TYR B 66 5.82 -7.95 29.56
C TYR B 66 7.31 -8.28 29.71
N ARG B 67 7.71 -8.45 30.97
CA ARG B 67 9.13 -8.62 31.36
C ARG B 67 10.03 -7.47 30.89
N GLN B 68 9.39 -6.36 30.51
CA GLN B 68 10.06 -5.14 30.11
C GLN B 68 11.04 -5.39 28.96
N SER B 69 10.64 -6.25 28.04
CA SER B 69 11.45 -6.54 26.88
C SER B 69 10.56 -7.01 25.74
N ARG B 70 11.01 -6.83 24.49
CA ARG B 70 10.33 -7.41 23.34
C ARG B 70 10.63 -8.89 23.19
N ASP B 71 11.59 -9.41 23.95
CA ASP B 71 12.07 -10.78 23.69
C ASP B 71 10.97 -11.86 23.73
N THR B 72 10.01 -11.73 24.64
CA THR B 72 8.95 -12.76 24.71
C THR B 72 8.09 -12.71 23.45
N ALA B 73 7.75 -11.49 23.03
CA ALA B 73 6.93 -11.31 21.83
C ALA B 73 7.68 -11.84 20.60
N VAL B 74 9.00 -11.60 20.53
CA VAL B 74 9.80 -12.07 19.38
C VAL B 74 9.81 -13.61 19.37
N ARG B 75 10.08 -14.19 20.53
CA ARG B 75 10.16 -15.65 20.73
C ARG B 75 8.86 -16.41 20.36
N GLU B 76 7.72 -15.85 20.77
CA GLU B 76 6.41 -16.46 20.66
C GLU B 76 5.68 -15.93 19.42
N ALA B 77 6.37 -15.07 18.67
CA ALA B 77 5.84 -14.38 17.49
C ALA B 77 4.54 -13.62 17.75
N VAL B 78 4.50 -12.86 18.85
CA VAL B 78 3.27 -12.10 19.20
C VAL B 78 3.28 -10.81 18.39
N GLN B 79 2.61 -10.82 17.22
CA GLN B 79 2.49 -9.67 16.31
C GLN B 79 3.81 -9.01 15.83
N ILE B 80 4.91 -9.74 15.95
CA ILE B 80 6.22 -9.45 15.33
C ILE B 80 6.75 -10.82 14.90
N PRO B 81 7.16 -11.00 13.61
CA PRO B 81 7.13 -9.99 12.58
C PRO B 81 5.68 -9.60 12.21
N VAL B 82 5.57 -8.43 11.61
CA VAL B 82 4.29 -7.93 11.13
C VAL B 82 4.51 -7.20 9.80
N ASN B 83 3.64 -7.48 8.83
CA ASN B 83 3.68 -6.90 7.49
C ASN B 83 2.50 -5.94 7.30
N ASP B 84 2.63 -5.04 6.34
CA ASP B 84 1.59 -4.05 6.10
C ASP B 84 0.30 -4.68 5.52
N PRO B 85 -0.87 -4.44 6.16
CA PRO B 85 -2.13 -5.05 5.63
C PRO B 85 -2.63 -4.46 4.28
N LEU B 86 -2.43 -3.17 4.02
CA LEU B 86 -2.92 -2.58 2.77
C LEU B 86 -2.27 -3.20 1.53
N MET B 87 -1.01 -3.63 1.65
CA MET B 87 -0.33 -4.29 0.49
C MET B 87 -1.08 -5.54 0.01
N LEU B 88 -1.83 -6.19 0.90
CA LEU B 88 -2.56 -7.42 0.54
C LEU B 88 -3.77 -7.21 -0.33
N ILE B 89 -4.33 -6.00 -0.30
CA ILE B 89 -5.72 -5.83 -0.74
C ILE B 89 -5.98 -6.12 -2.21
N SER B 90 -5.18 -5.54 -3.11
CA SER B 90 -5.49 -5.69 -4.53
C SER B 90 -5.51 -7.15 -5.02
N ALA B 91 -4.58 -8.00 -4.58
CA ALA B 91 -4.60 -9.44 -4.98
C ALA B 91 -5.88 -10.14 -4.52
N MET B 92 -6.28 -9.91 -3.26
CA MET B 92 -7.49 -10.51 -2.70
C MET B 92 -8.74 -10.01 -3.40
N ALA B 93 -8.74 -8.70 -3.71
CA ALA B 93 -9.82 -8.08 -4.50
C ALA B 93 -9.90 -8.63 -5.92
N TYR B 94 -8.76 -8.93 -6.53
CA TYR B 94 -8.76 -9.46 -7.89
C TYR B 94 -9.48 -10.80 -7.97
N VAL B 95 -9.37 -11.55 -6.88
CA VAL B 95 -9.77 -12.96 -6.86
C VAL B 95 -11.20 -13.13 -6.26
N THR B 96 -11.83 -12.00 -5.94
CA THR B 96 -13.18 -12.01 -5.37
C THR B 96 -14.07 -11.00 -6.08
N LYS B 97 -15.40 -11.22 -6.00
CA LYS B 97 -16.34 -10.27 -6.54
C LYS B 97 -17.11 -9.42 -5.51
N HIS B 98 -17.37 -9.97 -4.34
CA HIS B 98 -18.25 -9.28 -3.37
C HIS B 98 -17.59 -9.08 -1.98
N LEU B 99 -16.68 -9.98 -1.63
CA LEU B 99 -16.03 -9.92 -0.32
C LEU B 99 -15.42 -8.53 -0.11
N ALA B 100 -15.67 -7.94 1.05
CA ALA B 100 -15.11 -6.65 1.44
C ALA B 100 -13.89 -6.78 2.33
N PHE B 101 -13.23 -5.65 2.52
CA PHE B 101 -11.91 -5.63 3.18
C PHE B 101 -11.87 -4.47 4.15
N ALA B 102 -11.74 -4.79 5.42
CA ALA B 102 -11.58 -3.74 6.45
C ALA B 102 -10.11 -3.76 6.88
N VAL B 103 -9.46 -2.61 6.78
CA VAL B 103 -8.04 -2.47 7.15
C VAL B 103 -7.86 -1.57 8.34
N THR B 104 -7.11 -2.04 9.35
CA THR B 104 -6.80 -1.21 10.50
C THR B 104 -5.66 -0.26 10.13
N PHE B 105 -5.85 1.03 10.41
CA PHE B 105 -4.82 2.03 10.17
C PHE B 105 -4.91 3.13 11.24
N SER B 106 -3.75 3.50 11.80
CA SER B 106 -3.66 4.42 12.92
C SER B 106 -3.69 5.88 12.44
N THR B 107 -4.35 6.74 13.21
CA THR B 107 -4.33 8.19 12.92
C THR B 107 -3.10 8.85 13.59
N THR B 108 -2.32 8.09 14.34
CA THR B 108 -1.36 8.74 15.24
C THR B 108 -0.07 9.11 14.52
N TYR B 109 0.32 8.32 13.49
CA TYR B 109 1.69 8.38 12.98
C TYR B 109 1.88 9.03 11.63
N GLU B 110 1.01 8.69 10.67
CA GLU B 110 1.27 8.99 9.26
C GLU B 110 0.21 10.01 8.77
N HIS B 111 0.58 10.83 7.81
CA HIS B 111 -0.19 12.03 7.47
C HIS B 111 -1.45 11.66 6.66
N PRO B 112 -2.58 12.35 6.89
CA PRO B 112 -3.87 12.06 6.23
C PRO B 112 -3.84 12.22 4.70
N TYR B 113 -2.98 13.08 4.17
CA TYR B 113 -3.01 13.32 2.72
C TYR B 113 -2.60 12.02 1.97
N GLY B 114 -1.56 11.37 2.46
CA GLY B 114 -1.09 10.13 1.86
C GLY B 114 -2.07 9.00 2.09
N HIS B 115 -2.59 8.91 3.32
CA HIS B 115 -3.63 7.96 3.65
C HIS B 115 -4.90 8.11 2.81
N ALA B 116 -5.33 9.34 2.59
CA ALA B 116 -6.54 9.59 1.81
C ALA B 116 -6.39 9.10 0.37
N ARG B 117 -5.22 9.37 -0.24
CA ARG B 117 -4.98 8.80 -1.58
C ARG B 117 -4.98 7.26 -1.57
N ARG B 118 -4.32 6.65 -0.58
CA ARG B 118 -4.31 5.18 -0.45
C ARG B 118 -5.74 4.59 -0.39
N MET B 119 -6.61 5.19 0.44
CA MET B 119 -8.00 4.71 0.59
C MET B 119 -8.83 4.93 -0.67
N SER B 120 -8.73 6.08 -1.32
CA SER B 120 -9.45 6.32 -2.57
C SER B 120 -9.02 5.30 -3.64
N THR B 121 -7.71 5.06 -3.70
CA THR B 121 -7.13 4.09 -4.64
C THR B 121 -7.75 2.69 -4.45
N LEU B 122 -7.78 2.22 -3.20
CA LEU B 122 -8.38 0.92 -2.88
C LEU B 122 -9.89 0.96 -3.16
N ASP B 123 -10.55 2.10 -2.91
CA ASP B 123 -11.97 2.19 -3.22
C ASP B 123 -12.25 2.04 -4.72
N HIS B 124 -11.41 2.62 -5.57
CA HIS B 124 -11.51 2.41 -7.02
C HIS B 124 -11.21 0.97 -7.38
N LEU B 125 -10.02 0.48 -6.96
CA LEU B 125 -9.56 -0.85 -7.35
C LEU B 125 -10.50 -1.97 -6.89
N THR B 126 -10.99 -1.87 -5.66
CA THR B 126 -11.96 -2.88 -5.10
C THR B 126 -13.39 -2.62 -5.55
N LYS B 127 -13.59 -1.52 -6.28
CA LYS B 127 -14.94 -1.12 -6.68
C LYS B 127 -15.87 -0.96 -5.46
N GLY B 128 -15.40 -0.23 -4.45
CA GLY B 128 -16.28 0.09 -3.30
C GLY B 128 -16.39 -1.02 -2.27
N ARG B 129 -15.31 -1.77 -2.07
CA ARG B 129 -15.35 -2.90 -1.13
C ARG B 129 -14.31 -2.69 0.01
N ILE B 130 -13.98 -1.44 0.28
CA ILE B 130 -12.97 -1.10 1.29
C ILE B 130 -13.60 -0.44 2.52
N ALA B 131 -13.01 -0.76 3.67
CA ALA B 131 -13.35 -0.16 4.96
C ALA B 131 -12.04 0.13 5.72
N TRP B 132 -12.17 1.09 6.63
CA TRP B 132 -11.06 1.53 7.42
C TRP B 132 -11.43 1.42 8.89
N ASN B 133 -10.67 0.61 9.62
CA ASN B 133 -10.79 0.51 11.06
C ASN B 133 -9.84 1.55 11.70
N VAL B 134 -10.46 2.63 12.19
CA VAL B 134 -9.76 3.77 12.80
C VAL B 134 -9.35 3.42 14.24
N VAL B 135 -8.06 3.62 14.52
CA VAL B 135 -7.45 3.16 15.75
C VAL B 135 -6.48 4.27 16.15
N THR B 136 -6.21 4.45 17.44
CA THR B 136 -5.28 5.49 17.84
C THR B 136 -3.96 4.88 18.28
N SER B 137 -3.93 3.57 18.52
CA SER B 137 -2.66 2.90 18.87
C SER B 137 -2.27 3.09 20.33
N HIS B 138 -1.48 2.15 20.82
CA HIS B 138 -1.17 2.09 22.25
C HIS B 138 0.16 1.42 22.55
N LEU B 139 1.03 1.30 21.56
CA LEU B 139 2.31 0.65 21.78
C LEU B 139 3.47 1.63 21.55
N PRO B 140 4.15 2.05 22.65
CA PRO B 140 5.12 3.15 22.68
C PRO B 140 6.30 3.09 21.70
N SER B 141 6.75 1.88 21.34
CA SER B 141 7.88 1.77 20.38
C SER B 141 7.56 2.45 19.06
N ALA B 142 6.27 2.54 18.72
CA ALA B 142 5.93 3.16 17.47
C ALA B 142 6.13 4.69 17.53
N ASP B 143 5.81 5.31 18.67
CA ASP B 143 6.09 6.74 18.85
C ASP B 143 7.60 7.01 18.72
N LYS B 144 8.42 6.13 19.29
CA LYS B 144 9.88 6.21 19.20
C LYS B 144 10.39 6.07 17.74
N ASN B 145 9.76 5.15 17.01
CA ASN B 145 10.22 4.84 15.64
C ASN B 145 9.67 5.69 14.50
N PHE B 146 8.57 6.39 14.72
CA PHE B 146 7.99 7.32 13.77
C PHE B 146 8.42 8.77 14.10
N GLY B 147 9.31 8.91 15.07
CA GLY B 147 9.91 10.20 15.43
C GLY B 147 8.83 11.21 15.78
N ILE B 148 7.88 10.78 16.61
CA ILE B 148 6.88 11.66 17.15
C ILE B 148 7.66 12.57 18.10
N LYS B 149 7.55 13.88 17.87
CA LYS B 149 8.28 14.88 18.66
C LYS B 149 7.63 15.13 20.05
N LYS B 150 6.31 15.38 20.08
CA LYS B 150 5.54 15.34 21.33
C LYS B 150 4.62 14.12 21.40
N ILE B 151 5.00 13.17 22.26
CA ILE B 151 4.23 11.92 22.44
C ILE B 151 2.87 12.27 23.08
N LEU B 152 1.79 11.83 22.44
CA LEU B 152 0.46 12.25 22.85
C LEU B 152 -0.16 11.29 23.86
N GLU B 153 -0.88 11.88 24.82
CA GLU B 153 -1.58 11.12 25.85
C GLU B 153 -2.80 10.40 25.24
N HIS B 154 -3.33 9.43 26.00
CA HIS B 154 -4.44 8.61 25.53
C HIS B 154 -5.63 9.37 24.90
N ASP B 155 -6.18 10.35 25.63
CA ASP B 155 -7.37 11.05 25.12
C ASP B 155 -7.00 12.01 24.00
N GLU B 156 -5.80 12.59 24.08
CA GLU B 156 -5.39 13.58 23.08
C GLU B 156 -5.20 12.93 21.69
N ARG B 157 -4.77 11.66 21.69
CA ARG B 157 -4.77 10.87 20.44
C ARG B 157 -6.14 10.83 19.79
N TYR B 158 -7.21 10.79 20.57
CA TYR B 158 -8.55 10.81 19.97
C TYR B 158 -8.92 12.21 19.43
N ASP B 159 -8.38 13.27 20.04
CA ASP B 159 -8.52 14.61 19.44
C ASP B 159 -7.77 14.73 18.10
N LEU B 160 -6.57 14.19 18.03
CA LEU B 160 -5.85 14.11 16.76
C LEU B 160 -6.71 13.37 15.70
N ALA B 161 -7.26 12.23 16.09
CA ALA B 161 -8.08 11.41 15.19
C ALA B 161 -9.31 12.14 14.70
N ASP B 162 -9.97 12.95 15.56
CA ASP B 162 -11.12 13.77 15.14
C ASP B 162 -10.77 14.63 13.91
N GLU B 163 -9.64 15.34 14.00
CA GLU B 163 -9.22 16.27 12.94
C GLU B 163 -8.63 15.50 11.76
N TYR B 164 -8.03 14.33 12.03
CA TYR B 164 -7.48 13.47 10.98
C TYR B 164 -8.64 13.07 10.06
N LEU B 165 -9.70 12.55 10.69
CA LEU B 165 -10.91 12.23 9.95
C LEU B 165 -11.52 13.43 9.24
N GLU B 166 -11.55 14.60 9.91
CA GLU B 166 -12.11 15.83 9.29
C GLU B 166 -11.41 16.08 7.95
N VAL B 167 -10.07 15.97 7.99
CA VAL B 167 -9.22 16.15 6.80
C VAL B 167 -9.59 15.16 5.73
N CYS B 168 -9.67 13.87 6.09
CA CYS B 168 -10.03 12.84 5.12
C CYS B 168 -11.44 13.04 4.59
N TYR B 169 -12.38 13.41 5.46
CA TYR B 169 -13.76 13.71 4.98
C TYR B 169 -13.76 14.82 3.90
N LYS B 170 -13.10 15.95 4.17
CA LYS B 170 -13.03 17.03 3.17
C LYS B 170 -12.46 16.52 1.85
N LEU B 171 -11.36 15.78 1.92
CA LEU B 171 -10.73 15.19 0.71
C LEU B 171 -11.65 14.23 -0.05
N TRP B 172 -12.28 13.30 0.67
CA TRP B 172 -13.09 12.26 0.03
C TRP B 172 -14.48 12.70 -0.45
N GLU B 173 -15.10 13.63 0.28
CA GLU B 173 -16.48 14.04 0.04
C GLU B 173 -16.60 15.43 -0.58
N GLY B 174 -15.68 16.33 -0.26
CA GLY B 174 -15.83 17.71 -0.72
C GLY B 174 -14.95 18.22 -1.86
N SER B 175 -13.76 17.68 -2.01
CA SER B 175 -12.79 18.30 -2.90
C SER B 175 -13.24 18.23 -4.37
N TRP B 176 -13.71 17.07 -4.80
CA TRP B 176 -14.12 16.86 -6.16
C TRP B 176 -15.62 16.63 -6.14
N GLU B 177 -16.36 17.31 -7.00
CA GLU B 177 -17.83 17.14 -7.06
C GLU B 177 -18.18 15.85 -7.76
N ASP B 178 -19.42 15.36 -7.58
CA ASP B 178 -19.83 14.04 -8.07
C ASP B 178 -19.51 13.76 -9.54
N ASN B 179 -19.83 14.70 -10.42
CA ASN B 179 -19.64 14.51 -11.86
C ASN B 179 -18.49 15.39 -12.36
N ALA B 180 -17.51 15.63 -11.50
CA ALA B 180 -16.31 16.39 -11.89
C ALA B 180 -15.65 15.75 -13.14
N VAL B 181 -15.50 14.44 -13.15
CA VAL B 181 -14.87 13.74 -14.27
C VAL B 181 -15.86 13.46 -15.40
N ILE B 182 -15.64 14.08 -16.56
CA ILE B 182 -16.58 13.96 -17.68
C ILE B 182 -16.04 13.22 -18.90
N ARG B 183 -14.71 13.17 -19.01
CA ARG B 183 -14.03 12.41 -20.04
C ARG B 183 -14.53 12.83 -21.41
N ASP B 184 -14.63 14.15 -21.59
CA ASP B 184 -15.31 14.74 -22.76
C ASP B 184 -14.32 14.95 -23.92
N ILE B 185 -14.28 13.99 -24.83
CA ILE B 185 -13.33 13.99 -25.95
C ILE B 185 -13.56 15.18 -26.88
N GLU B 186 -14.82 15.39 -27.24
CA GLU B 186 -15.24 16.47 -28.11
C GLU B 186 -14.81 17.86 -27.61
N ASN B 187 -14.93 18.12 -26.31
CA ASN B 187 -14.49 19.41 -25.77
C ASN B 187 -13.09 19.42 -25.16
N ASN B 188 -12.36 18.32 -25.33
CA ASN B 188 -11.04 18.11 -24.71
C ASN B 188 -11.00 18.51 -23.21
N ILE B 189 -11.95 17.94 -22.45
CA ILE B 189 -12.01 18.17 -21.01
C ILE B 189 -12.17 16.81 -20.38
N TYR B 190 -11.12 16.38 -19.67
CA TYR B 190 -11.21 15.13 -18.90
C TYR B 190 -11.98 15.37 -17.63
N THR B 191 -11.53 16.36 -16.87
CA THR B 191 -12.13 16.71 -15.60
C THR B 191 -12.44 18.19 -15.71
N ASP B 192 -13.67 18.55 -15.35
CA ASP B 192 -14.04 19.97 -15.34
C ASP B 192 -13.32 20.63 -14.16
N PRO B 193 -12.39 21.56 -14.44
CA PRO B 193 -11.61 22.25 -13.40
C PRO B 193 -12.41 23.05 -12.34
N SER B 194 -13.60 23.54 -12.71
CA SER B 194 -14.42 24.31 -11.78
C SER B 194 -15.06 23.40 -10.73
N LYS B 195 -14.93 22.07 -10.94
CA LYS B 195 -15.47 21.06 -10.02
C LYS B 195 -14.43 20.38 -9.12
N VAL B 196 -13.20 20.86 -9.17
CA VAL B 196 -12.15 20.38 -8.30
C VAL B 196 -11.72 21.52 -7.39
N HIS B 197 -11.73 21.27 -6.08
CA HIS B 197 -11.62 22.33 -5.07
C HIS B 197 -10.58 22.08 -3.98
N GLU B 198 -9.88 23.13 -3.59
CA GLU B 198 -9.05 23.04 -2.39
C GLU B 198 -9.94 22.84 -1.18
N ILE B 199 -9.41 22.17 -0.16
CA ILE B 199 -10.20 21.95 1.03
C ILE B 199 -9.94 23.03 2.08
N ASN B 200 -8.86 23.79 1.90
CA ASN B 200 -8.49 24.86 2.79
C ASN B 200 -8.62 24.50 4.26
N HIS B 201 -8.09 23.33 4.60
CA HIS B 201 -8.09 22.89 5.97
C HIS B 201 -7.02 23.53 6.84
N SER B 202 -7.46 24.02 7.98
CA SER B 202 -6.56 24.57 8.97
C SER B 202 -7.05 24.28 10.38
N GLY B 203 -6.39 23.39 11.11
CA GLY B 203 -6.80 23.05 12.49
C GLY B 203 -5.58 23.03 13.38
N LYS B 204 -5.73 22.52 14.61
CA LYS B 204 -4.62 22.42 15.56
C LYS B 204 -3.50 21.50 15.07
N TYR B 205 -3.88 20.35 14.51
CA TYR B 205 -2.89 19.33 14.14
C TYR B 205 -2.46 19.36 12.67
N PHE B 206 -3.36 19.83 11.82
CA PHE B 206 -3.12 19.77 10.37
C PHE B 206 -3.39 21.06 9.63
N GLU B 207 -2.57 21.27 8.63
CA GLU B 207 -2.78 22.33 7.65
C GLU B 207 -2.71 21.70 6.24
N VAL B 208 -3.87 21.63 5.57
CA VAL B 208 -4.01 20.96 4.27
C VAL B 208 -4.86 21.79 3.30
N PRO B 209 -4.21 22.59 2.43
CA PRO B 209 -4.82 23.27 1.30
C PRO B 209 -5.74 22.43 0.40
N GLY B 210 -5.35 21.19 0.06
CA GLY B 210 -6.16 20.41 -0.91
C GLY B 210 -5.65 20.89 -2.26
N PRO B 211 -6.29 20.48 -3.37
CA PRO B 211 -7.35 19.50 -3.49
C PRO B 211 -6.84 18.07 -3.22
N HIS B 212 -7.78 17.14 -3.17
CA HIS B 212 -7.49 15.70 -3.18
C HIS B 212 -6.87 15.29 -4.53
N LEU B 213 -5.96 14.33 -4.49
CA LEU B 213 -5.32 13.81 -5.70
C LEU B 213 -6.22 12.87 -6.55
N CYS B 214 -7.29 12.35 -5.96
CA CYS B 214 -8.08 11.31 -6.60
C CYS B 214 -9.50 11.74 -6.98
N GLU B 215 -10.01 11.17 -8.05
CA GLU B 215 -11.38 11.44 -8.48
C GLU B 215 -12.35 10.61 -7.60
N PRO B 216 -13.65 11.03 -7.56
CA PRO B 216 -14.64 10.32 -6.75
C PRO B 216 -14.72 8.81 -7.04
N SER B 217 -14.68 8.05 -5.96
CA SER B 217 -14.68 6.59 -6.02
C SER B 217 -16.10 6.11 -5.62
N PRO B 218 -16.44 4.81 -5.82
CA PRO B 218 -17.84 4.38 -5.54
C PRO B 218 -18.40 4.76 -4.16
N GLN B 219 -17.63 4.53 -3.08
CA GLN B 219 -18.10 4.90 -1.72
C GLN B 219 -17.68 6.29 -1.27
N ARG B 220 -16.67 6.84 -1.96
CA ARG B 220 -15.92 8.04 -1.58
C ARG B 220 -15.15 7.86 -0.26
N THR B 221 -15.84 7.86 0.89
CA THR B 221 -15.22 7.60 2.19
C THR B 221 -15.36 6.09 2.44
N PRO B 222 -14.26 5.39 2.82
CA PRO B 222 -14.38 3.92 3.09
C PRO B 222 -15.38 3.71 4.22
N VAL B 223 -15.99 2.52 4.31
CA VAL B 223 -16.82 2.22 5.51
C VAL B 223 -15.97 2.47 6.77
N ILE B 224 -16.49 3.28 7.72
CA ILE B 224 -15.68 3.62 8.89
C ILE B 224 -15.94 2.67 10.07
N TYR B 225 -14.96 1.84 10.41
CA TYR B 225 -15.00 1.05 11.60
C TYR B 225 -14.24 1.78 12.66
N GLN B 226 -14.55 1.48 13.91
CA GLN B 226 -13.76 1.97 15.04
C GLN B 226 -13.60 0.86 16.07
N ALA B 227 -12.45 0.85 16.74
CA ALA B 227 -12.20 -0.07 17.82
C ALA B 227 -11.41 0.67 18.90
N GLY B 228 -11.91 0.61 20.13
CA GLY B 228 -11.30 1.34 21.25
C GLY B 228 -12.42 1.65 22.23
N MET B 229 -12.35 0.99 23.38
CA MET B 229 -13.48 0.83 24.33
C MET B 229 -13.51 1.86 25.45
N SER B 230 -12.47 2.69 25.55
CA SER B 230 -12.38 3.71 26.59
C SER B 230 -13.56 4.66 26.44
N GLU B 231 -13.81 5.46 27.48
CA GLU B 231 -14.90 6.39 27.43
C GLU B 231 -14.73 7.33 26.23
N ARG B 232 -13.50 7.82 26.06
CA ARG B 232 -13.21 8.71 24.93
C ARG B 232 -13.37 7.99 23.58
N GLY B 233 -12.99 6.72 23.52
CA GLY B 233 -13.17 5.93 22.30
C GLY B 233 -14.62 5.70 21.95
N ARG B 234 -15.44 5.41 22.95
CA ARG B 234 -16.89 5.29 22.73
C ARG B 234 -17.55 6.57 22.22
N GLU B 235 -17.08 7.72 22.71
CA GLU B 235 -17.55 9.03 22.21
C GLU B 235 -17.12 9.23 20.77
N PHE B 236 -15.88 8.85 20.48
CA PHE B 236 -15.34 8.85 19.10
C PHE B 236 -16.17 7.97 18.13
N ALA B 237 -16.40 6.69 18.48
CA ALA B 237 -17.33 5.79 17.75
C ALA B 237 -18.67 6.46 17.45
N ALA B 238 -19.27 7.03 18.51
CA ALA B 238 -20.61 7.63 18.43
C ALA B 238 -20.65 8.77 17.40
N LYS B 239 -19.57 9.56 17.37
CA LYS B 239 -19.42 10.69 16.45
C LYS B 239 -19.16 10.23 14.99
N HIS B 240 -18.31 9.20 14.81
CA HIS B 240 -17.74 8.86 13.48
C HIS B 240 -18.11 7.48 12.87
N ALA B 241 -18.15 6.44 13.72
CA ALA B 241 -18.16 5.07 13.25
C ALA B 241 -19.49 4.67 12.61
N GLU B 242 -19.39 4.05 11.45
CA GLU B 242 -20.51 3.30 10.89
C GLU B 242 -20.59 1.90 11.51
N CYS B 243 -19.44 1.38 11.93
CA CYS B 243 -19.33 0.05 12.52
C CYS B 243 -18.36 0.10 13.69
N VAL B 244 -18.72 -0.57 14.77
CA VAL B 244 -17.90 -0.56 15.98
C VAL B 244 -17.53 -1.99 16.33
N PHE B 245 -16.23 -2.23 16.47
CA PHE B 245 -15.69 -3.48 16.96
C PHE B 245 -15.49 -3.34 18.46
N LEU B 246 -16.41 -3.99 19.18
CA LEU B 246 -16.53 -3.92 20.61
C LEU B 246 -15.76 -5.05 21.26
N GLY B 247 -15.17 -4.75 22.41
CA GLY B 247 -14.67 -5.77 23.32
C GLY B 247 -15.80 -6.25 24.24
N GLY B 248 -15.65 -7.46 24.78
CA GLY B 248 -16.68 -8.04 25.67
C GLY B 248 -17.14 -9.42 25.21
N LYS B 249 -17.39 -10.31 26.17
CA LYS B 249 -17.67 -11.72 25.89
C LYS B 249 -19.03 -12.21 26.42
N ASP B 250 -19.83 -11.30 26.97
CA ASP B 250 -21.15 -11.67 27.51
C ASP B 250 -22.19 -10.61 27.19
N VAL B 251 -23.45 -11.01 27.28
CA VAL B 251 -24.58 -10.17 26.93
C VAL B 251 -24.60 -8.87 27.75
N GLU B 252 -24.40 -8.98 29.06
CA GLU B 252 -24.52 -7.77 29.90
C GLU B 252 -23.51 -6.68 29.52
N THR B 253 -22.29 -7.11 29.27
CA THR B 253 -21.20 -6.19 28.93
C THR B 253 -21.42 -5.59 27.53
N LEU B 254 -21.62 -6.46 26.55
CA LEU B 254 -21.91 -5.98 25.19
C LEU B 254 -23.14 -5.08 25.13
N LYS B 255 -24.23 -5.46 25.80
CA LYS B 255 -25.43 -4.65 25.76
C LYS B 255 -25.17 -3.27 26.33
N PHE B 256 -24.43 -3.21 27.43
CA PHE B 256 -24.08 -1.94 28.06
C PHE B 256 -23.39 -1.04 27.05
N PHE B 257 -22.40 -1.59 26.35
CA PHE B 257 -21.62 -0.74 25.47
C PHE B 257 -22.36 -0.37 24.19
N VAL B 258 -23.13 -1.33 23.64
CA VAL B 258 -24.02 -1.05 22.51
C VAL B 258 -24.94 0.13 22.86
N ASP B 259 -25.57 0.02 24.04
CA ASP B 259 -26.52 1.03 24.49
C ASP B 259 -25.79 2.35 24.77
N ASP B 260 -24.59 2.28 25.34
CA ASP B 260 -23.82 3.50 25.63
C ASP B 260 -23.44 4.33 24.39
N ILE B 261 -22.93 3.65 23.37
CA ILE B 261 -22.62 4.32 22.11
C ILE B 261 -23.84 4.90 21.43
N ARG B 262 -24.93 4.13 21.36
CA ARG B 262 -26.15 4.59 20.75
C ARG B 262 -26.67 5.86 21.46
N LYS B 263 -26.57 5.92 22.80
CA LYS B 263 -26.94 7.12 23.55
C LYS B 263 -26.06 8.31 23.17
N ARG B 264 -24.74 8.08 23.18
CA ARG B 264 -23.75 9.11 22.89
C ARG B 264 -23.88 9.68 21.49
N ALA B 265 -24.47 8.90 20.57
CA ALA B 265 -24.63 9.29 19.16
C ALA B 265 -25.69 10.36 18.95
N LYS B 266 -26.62 10.50 19.89
CA LYS B 266 -27.74 11.44 19.76
C LYS B 266 -27.29 12.88 19.64
N LYS B 267 -26.36 13.30 20.50
CA LYS B 267 -25.82 14.68 20.46
C LYS B 267 -25.19 15.12 19.13
N TYR B 268 -24.81 14.16 18.28
CA TYR B 268 -24.23 14.45 16.95
C TYR B 268 -25.28 14.44 15.84
N GLY B 269 -26.54 14.29 16.21
CA GLY B 269 -27.62 14.28 15.22
C GLY B 269 -27.72 12.99 14.42
N ARG B 270 -27.07 11.95 14.91
CA ARG B 270 -27.09 10.66 14.22
C ARG B 270 -28.21 9.74 14.65
N ASN B 271 -28.80 9.05 13.68
CA ASN B 271 -29.68 7.90 13.93
C ASN B 271 -28.80 6.72 14.43
N PRO B 272 -28.98 6.29 15.71
CA PRO B 272 -28.12 5.21 16.25
C PRO B 272 -28.24 3.92 15.46
N ASP B 273 -29.31 3.75 14.69
CA ASP B 273 -29.42 2.59 13.78
C ASP B 273 -28.48 2.68 12.58
N HIS B 274 -27.86 3.84 12.40
CA HIS B 274 -26.79 3.99 11.42
C HIS B 274 -25.43 3.57 11.97
N ILE B 275 -25.40 2.95 13.16
CA ILE B 275 -24.16 2.38 13.68
C ILE B 275 -24.38 0.86 13.85
N LYS B 276 -23.56 0.04 13.21
CA LYS B 276 -23.62 -1.43 13.41
C LYS B 276 -22.64 -1.85 14.49
N MET B 277 -23.03 -2.85 15.30
CA MET B 277 -22.24 -3.30 16.46
C MET B 277 -21.70 -4.72 16.24
N PHE B 278 -20.37 -4.88 16.32
CA PHE B 278 -19.68 -6.16 16.07
C PHE B 278 -19.00 -6.61 17.33
N ALA B 279 -19.22 -7.86 17.73
CA ALA B 279 -18.44 -8.49 18.79
C ALA B 279 -17.36 -9.44 18.19
N GLY B 280 -16.37 -9.84 18.99
CA GLY B 280 -15.46 -10.89 18.56
C GLY B 280 -16.06 -12.19 19.01
N ILE B 281 -15.75 -13.24 18.28
CA ILE B 281 -16.16 -14.57 18.74
C ILE B 281 -15.20 -15.59 18.22
N CYS B 282 -14.90 -16.60 19.05
CA CYS B 282 -14.11 -17.73 18.62
C CYS B 282 -15.03 -18.93 18.61
N VAL B 283 -14.89 -19.76 17.57
CA VAL B 283 -15.81 -20.87 17.34
C VAL B 283 -15.00 -22.15 17.18
N ILE B 284 -15.34 -23.13 18.01
CA ILE B 284 -14.82 -24.49 17.88
C ILE B 284 -16.04 -25.36 17.64
N VAL B 285 -16.20 -25.86 16.42
CA VAL B 285 -17.39 -26.58 16.05
C VAL B 285 -17.05 -28.04 15.57
N GLY B 286 -17.95 -28.98 15.82
CA GLY B 286 -17.83 -30.34 15.33
C GLY B 286 -19.25 -30.88 15.14
N LYS B 287 -19.38 -31.92 14.33
CA LYS B 287 -20.69 -32.58 14.13
C LYS B 287 -21.31 -33.08 15.41
N THR B 288 -20.47 -33.47 16.35
CA THR B 288 -20.94 -33.94 17.63
C THR B 288 -20.12 -33.24 18.70
N HIS B 289 -20.61 -33.22 19.94
CA HIS B 289 -19.89 -32.65 21.07
C HIS B 289 -18.46 -33.24 21.24
N ASP B 290 -18.33 -34.56 21.09
CA ASP B 290 -17.06 -35.26 21.09
C ASP B 290 -15.98 -34.66 20.16
N GLU B 291 -16.39 -34.37 18.92
CA GLU B 291 -15.50 -33.82 17.90
C GLU B 291 -15.10 -32.39 18.29
N ALA B 292 -16.08 -31.59 18.70
CA ALA B 292 -15.81 -30.23 19.16
C ALA B 292 -14.81 -30.24 20.33
N MET B 293 -15.02 -31.13 21.29
CA MET B 293 -14.14 -31.19 22.47
C MET B 293 -12.72 -31.64 22.13
N GLU B 294 -12.59 -32.52 21.13
CA GLU B 294 -11.28 -32.97 20.66
C GLU B 294 -10.47 -31.82 20.07
N LYS B 295 -11.12 -30.99 19.25
CA LYS B 295 -10.50 -29.76 18.72
C LYS B 295 -10.04 -28.83 19.85
N LEU B 296 -10.97 -28.53 20.76
CA LEU B 296 -10.67 -27.75 21.95
C LEU B 296 -9.46 -28.29 22.72
N ASN B 297 -9.47 -29.59 22.98
CA ASN B 297 -8.39 -30.18 23.76
C ASN B 297 -7.04 -30.04 23.07
N SER B 298 -7.06 -30.25 21.76
CA SER B 298 -5.89 -30.10 20.91
C SER B 298 -5.38 -28.64 20.96
N PHE B 299 -6.29 -27.67 20.90
CA PHE B 299 -5.88 -26.27 20.93
C PHE B 299 -5.27 -25.87 22.28
N GLN B 300 -5.85 -26.39 23.36
CA GLN B 300 -5.40 -26.11 24.71
C GLN B 300 -3.97 -26.59 24.91
N LYS B 301 -3.60 -27.69 24.26
CA LYS B 301 -2.23 -28.19 24.33
C LYS B 301 -1.16 -27.21 23.78
N TYR B 302 -1.56 -26.37 22.81
CA TYR B 302 -0.63 -25.41 22.20
C TYR B 302 -0.72 -23.95 22.70
N TRP B 303 -1.77 -23.59 23.44
CA TRP B 303 -1.95 -22.26 24.03
C TRP B 303 -0.78 -21.87 24.96
N SER B 304 -0.10 -20.78 24.61
CA SER B 304 1.12 -20.36 25.31
C SER B 304 0.83 -19.22 26.27
N LEU B 305 0.92 -19.50 27.58
CA LEU B 305 0.68 -18.47 28.58
C LEU B 305 1.62 -17.30 28.38
N GLU B 306 2.87 -17.60 28.08
CA GLU B 306 3.85 -16.57 27.95
C GLU B 306 3.55 -15.61 26.77
N GLY B 307 3.17 -16.14 25.62
CA GLY B 307 2.74 -15.30 24.50
C GLY B 307 1.53 -14.43 24.83
N HIS B 308 0.51 -15.02 25.47
CA HIS B 308 -0.62 -14.22 25.96
C HIS B 308 -0.26 -13.14 26.97
N LEU B 309 0.68 -13.44 27.87
CA LEU B 309 1.19 -12.44 28.84
C LEU B 309 1.85 -11.27 28.10
N ALA B 310 2.65 -11.57 27.09
CA ALA B 310 3.23 -10.51 26.22
C ALA B 310 2.14 -9.65 25.55
N HIS B 311 1.14 -10.32 24.95
CA HIS B 311 -0.03 -9.66 24.35
C HIS B 311 -0.79 -8.78 25.37
N TYR B 312 -1.13 -9.39 26.50
CA TYR B 312 -1.77 -8.67 27.61
C TYR B 312 -0.99 -7.39 28.01
N GLY B 313 0.34 -7.51 28.18
CA GLY B 313 1.20 -6.36 28.51
C GLY B 313 1.11 -5.20 27.53
N GLY B 314 1.33 -5.46 26.24
CA GLY B 314 1.11 -4.46 25.21
C GLY B 314 -0.29 -3.84 25.21
N GLY B 315 -1.32 -4.65 25.39
CA GLY B 315 -2.69 -4.18 25.26
C GLY B 315 -3.18 -3.39 26.45
N THR B 316 -2.61 -3.68 27.63
CA THR B 316 -3.06 -3.10 28.91
C THR B 316 -2.02 -2.15 29.52
N GLY B 317 -0.75 -2.33 29.16
CA GLY B 317 0.37 -1.66 29.79
C GLY B 317 0.78 -2.28 31.12
N TYR B 318 0.12 -3.37 31.55
CA TYR B 318 0.52 -4.10 32.74
C TYR B 318 1.53 -5.20 32.44
N ASP B 319 2.71 -5.07 33.05
CA ASP B 319 3.71 -6.11 33.10
C ASP B 319 3.44 -7.02 34.28
N LEU B 320 2.84 -8.16 34.01
CA LEU B 320 2.44 -9.10 35.06
C LEU B 320 3.59 -9.90 35.63
N SER B 321 4.75 -9.94 34.94
CA SER B 321 5.92 -10.59 35.54
C SER B 321 6.32 -9.95 36.90
N LYS B 322 5.96 -8.69 37.12
CA LYS B 322 6.31 -7.92 38.33
C LYS B 322 5.51 -8.29 39.59
N TYR B 323 4.31 -8.88 39.39
CA TYR B 323 3.33 -9.05 40.46
C TYR B 323 3.35 -10.41 41.14
N SER B 324 2.96 -10.42 42.42
CA SER B 324 2.66 -11.66 43.12
C SER B 324 1.17 -12.04 42.91
N SER B 325 0.84 -13.31 43.10
CA SER B 325 -0.56 -13.78 42.99
C SER B 325 -1.55 -12.88 43.72
N ASN B 326 -1.22 -12.51 44.96
CA ASN B 326 -2.08 -11.74 45.85
C ASN B 326 -2.14 -10.22 45.58
N ASP B 327 -1.42 -9.74 44.57
CA ASP B 327 -1.56 -8.34 44.16
C ASP B 327 -2.82 -8.17 43.33
N TYR B 328 -3.37 -6.95 43.27
CA TYR B 328 -4.63 -6.68 42.59
C TYR B 328 -4.40 -5.62 41.54
N ILE B 329 -4.97 -5.80 40.35
CA ILE B 329 -4.78 -4.77 39.30
C ILE B 329 -5.97 -3.83 39.27
N GLY B 330 -7.16 -4.38 39.03
CA GLY B 330 -8.39 -3.62 39.22
C GLY B 330 -9.01 -4.12 40.52
N SER B 331 -10.00 -4.99 40.37
CA SER B 331 -10.68 -5.61 41.49
C SER B 331 -10.32 -7.11 41.57
N ILE B 332 -9.69 -7.60 40.49
CA ILE B 332 -9.29 -8.99 40.36
C ILE B 332 -7.82 -9.13 40.76
N SER B 333 -7.48 -10.23 41.43
CA SER B 333 -6.11 -10.49 41.82
C SER B 333 -5.33 -10.91 40.57
N VAL B 334 -4.02 -10.74 40.62
CA VAL B 334 -3.13 -11.13 39.53
C VAL B 334 -3.15 -12.66 39.31
N GLY B 335 -3.17 -13.42 40.41
CA GLY B 335 -3.22 -14.88 40.34
C GLY B 335 -4.44 -15.39 39.58
N GLU B 336 -5.54 -14.68 39.71
CA GLU B 336 -6.77 -14.97 38.98
C GLU B 336 -6.70 -14.51 37.52
N ILE B 337 -6.18 -13.30 37.28
CA ILE B 337 -5.94 -12.83 35.90
C ILE B 337 -5.11 -13.87 35.13
N ILE B 338 -4.09 -14.40 35.78
CA ILE B 338 -3.18 -15.31 35.11
C ILE B 338 -3.80 -16.69 34.90
N ASN B 339 -4.60 -17.14 35.89
CA ASN B 339 -5.32 -18.40 35.74
C ASN B 339 -6.33 -18.38 34.60
N ASN B 340 -7.02 -17.25 34.44
CA ASN B 340 -7.95 -17.06 33.34
C ASN B 340 -7.27 -16.98 31.99
N MET B 341 -6.08 -16.40 31.97
CA MET B 341 -5.33 -16.23 30.75
C MET B 341 -4.78 -17.55 30.15
N SER B 342 -4.47 -18.51 31.03
CA SER B 342 -3.87 -19.78 30.64
C SER B 342 -4.85 -20.74 29.96
N LYS B 343 -6.13 -20.34 29.87
CA LYS B 343 -7.19 -21.11 29.18
C LYS B 343 -7.76 -20.44 27.88
N LEU B 344 -8.23 -21.26 26.94
CA LEU B 344 -8.73 -20.81 25.61
C LEU B 344 -9.88 -19.80 25.60
N ASP B 345 -10.62 -19.69 26.71
CA ASP B 345 -11.77 -18.77 26.79
C ASP B 345 -11.55 -17.57 27.73
N GLY B 346 -10.28 -17.20 27.93
CA GLY B 346 -9.92 -16.10 28.83
C GLY B 346 -9.32 -14.89 28.14
N LYS B 347 -9.65 -14.74 26.85
CA LYS B 347 -9.38 -13.49 26.12
C LYS B 347 -10.68 -12.69 26.11
N TRP B 348 -10.70 -11.55 25.40
CA TRP B 348 -11.81 -10.59 25.48
C TRP B 348 -13.08 -11.03 24.76
N PHE B 349 -13.04 -12.21 24.16
CA PHE B 349 -14.08 -12.63 23.21
C PHE B 349 -14.79 -13.89 23.69
N LYS B 350 -16.08 -13.98 23.41
CA LYS B 350 -16.85 -15.19 23.68
C LYS B 350 -16.19 -16.37 22.97
N LEU B 351 -16.01 -17.50 23.67
CA LEU B 351 -15.73 -18.77 22.98
C LEU B 351 -16.99 -19.60 22.95
N SER B 352 -17.40 -20.00 21.73
CA SER B 352 -18.51 -20.92 21.57
C SER B 352 -18.00 -22.29 21.06
N VAL B 353 -18.16 -23.34 21.86
CA VAL B 353 -17.69 -24.72 21.57
C VAL B 353 -18.89 -25.67 21.49
N GLY B 354 -18.98 -26.47 20.44
CA GLY B 354 -20.05 -27.47 20.36
C GLY B 354 -20.48 -27.86 18.96
N THR B 355 -21.72 -28.33 18.85
CA THR B 355 -22.35 -28.64 17.56
C THR B 355 -22.74 -27.35 16.87
N PRO B 356 -23.00 -27.40 15.54
CA PRO B 356 -23.41 -26.21 14.83
C PRO B 356 -24.69 -25.62 15.45
N LYS B 357 -25.65 -26.46 15.87
CA LYS B 357 -26.84 -25.91 16.52
C LYS B 357 -26.48 -25.04 17.72
N LYS B 358 -25.64 -25.57 18.59
CA LYS B 358 -25.22 -24.82 19.77
C LYS B 358 -24.49 -23.51 19.40
N VAL B 359 -23.57 -23.58 18.46
CA VAL B 359 -22.82 -22.35 18.13
C VAL B 359 -23.77 -21.29 17.60
N ALA B 360 -24.67 -21.68 16.69
CA ALA B 360 -25.65 -20.76 16.11
C ALA B 360 -26.58 -20.16 17.19
N ASP B 361 -27.02 -21.00 18.13
CA ASP B 361 -27.80 -20.53 19.30
C ASP B 361 -27.07 -19.45 20.10
N GLU B 362 -25.80 -19.69 20.40
CA GLU B 362 -25.01 -18.74 21.19
C GLU B 362 -24.75 -17.42 20.45
N MET B 363 -24.52 -17.50 19.13
CA MET B 363 -24.39 -16.32 18.30
C MET B 363 -25.70 -15.56 18.25
N GLN B 364 -26.80 -16.30 17.98
CA GLN B 364 -28.13 -15.74 17.96
C GLN B 364 -28.45 -15.05 19.31
N TYR B 365 -28.10 -15.70 20.42
CA TYR B 365 -28.36 -15.15 21.75
C TYR B 365 -27.76 -13.74 21.93
N LEU B 366 -26.47 -13.61 21.61
CA LEU B 366 -25.79 -12.33 21.65
C LEU B 366 -26.42 -11.25 20.73
N VAL B 367 -26.73 -11.63 19.49
CA VAL B 367 -27.41 -10.72 18.54
C VAL B 367 -28.74 -10.25 19.12
N GLU B 368 -29.56 -11.20 19.58
CA GLU B 368 -30.90 -10.88 20.00
C GLU B 368 -30.94 -10.19 21.35
N GLU B 369 -30.12 -10.64 22.30
CA GLU B 369 -30.17 -10.06 23.65
C GLU B 369 -29.29 -8.83 23.86
N ALA B 370 -28.15 -8.74 23.16
CA ALA B 370 -27.23 -7.58 23.35
C ALA B 370 -27.39 -6.50 22.24
N GLY B 371 -28.14 -6.81 21.18
CA GLY B 371 -28.33 -5.89 20.05
C GLY B 371 -27.07 -5.76 19.21
N ILE B 372 -26.31 -6.84 19.13
CA ILE B 372 -25.19 -6.85 18.20
C ILE B 372 -25.61 -7.27 16.78
N ASP B 373 -24.94 -6.70 15.78
CA ASP B 373 -25.31 -6.86 14.36
C ASP B 373 -24.46 -7.91 13.64
N GLY B 374 -23.28 -8.23 14.19
CA GLY B 374 -22.37 -9.10 13.49
C GLY B 374 -21.15 -9.43 14.32
N PHE B 375 -20.28 -10.22 13.73
CA PHE B 375 -19.16 -10.73 14.48
C PHE B 375 -17.90 -10.65 13.65
N ASN B 376 -16.80 -10.40 14.35
CA ASN B 376 -15.47 -10.73 13.85
C ASN B 376 -15.10 -12.10 14.42
N LEU B 377 -14.89 -13.03 13.50
CA LEU B 377 -14.56 -14.41 13.81
C LEU B 377 -13.05 -14.59 14.01
N VAL B 378 -12.68 -14.79 15.26
CA VAL B 378 -11.32 -14.96 15.69
C VAL B 378 -10.88 -16.37 15.36
N GLN B 379 -9.65 -16.50 14.86
CA GLN B 379 -9.12 -17.81 14.53
C GLN B 379 -8.32 -18.42 15.67
N TYR B 380 -8.43 -19.74 15.84
CA TYR B 380 -7.44 -20.51 16.64
C TYR B 380 -6.42 -21.18 15.72
N VAL B 381 -6.86 -21.63 14.54
CA VAL B 381 -5.97 -22.23 13.57
C VAL B 381 -6.43 -21.76 12.20
N SER B 382 -5.47 -21.66 11.28
CA SER B 382 -5.71 -21.19 9.92
C SER B 382 -5.36 -22.30 8.94
N PRO B 383 -6.29 -22.66 8.05
CA PRO B 383 -7.64 -22.16 7.83
C PRO B 383 -8.74 -22.92 8.57
N GLY B 384 -8.37 -23.83 9.48
CA GLY B 384 -9.30 -24.73 10.19
C GLY B 384 -10.47 -24.00 10.84
N THR B 385 -10.24 -22.96 11.64
CA THR B 385 -11.43 -22.27 12.15
C THR B 385 -12.42 -21.76 11.12
N PHE B 386 -11.94 -21.11 10.04
CA PHE B 386 -12.84 -20.68 8.99
C PHE B 386 -13.48 -21.82 8.19
N VAL B 387 -12.71 -22.88 7.87
CA VAL B 387 -13.22 -24.01 7.11
C VAL B 387 -14.35 -24.70 7.91
N ASP B 388 -14.13 -24.91 9.19
CA ASP B 388 -15.14 -25.56 10.05
C ASP B 388 -16.41 -24.73 10.19
N PHE B 389 -16.22 -23.42 10.42
CA PHE B 389 -17.32 -22.46 10.43
C PHE B 389 -18.15 -22.54 9.12
N ILE B 390 -17.49 -22.49 7.98
CA ILE B 390 -18.16 -22.54 6.67
C ILE B 390 -18.86 -23.89 6.42
N GLU B 391 -18.21 -25.01 6.72
CA GLU B 391 -18.85 -26.31 6.48
C GLU B 391 -20.00 -26.58 7.43
N LEU B 392 -19.84 -26.18 8.69
CA LEU B 392 -20.77 -26.62 9.76
C LEU B 392 -21.73 -25.58 10.28
N VAL B 393 -21.27 -24.34 10.49
CA VAL B 393 -22.12 -23.31 11.13
C VAL B 393 -22.93 -22.52 10.12
N VAL B 394 -22.30 -22.10 9.04
CA VAL B 394 -22.95 -21.36 7.98
C VAL B 394 -24.31 -22.00 7.51
N PRO B 395 -24.34 -23.30 7.18
CA PRO B 395 -25.65 -23.86 6.76
C PRO B 395 -26.70 -23.87 7.89
N GLU B 396 -26.26 -24.05 9.14
CA GLU B 396 -27.15 -23.97 10.31
C GLU B 396 -27.81 -22.59 10.44
N LEU B 397 -27.00 -21.53 10.33
CA LEU B 397 -27.48 -20.15 10.34
C LEU B 397 -28.34 -19.81 9.12
N GLN B 398 -27.91 -20.24 7.93
CA GLN B 398 -28.67 -19.98 6.68
C GLN B 398 -30.10 -20.58 6.77
N LYS B 399 -30.20 -21.83 7.26
CA LYS B 399 -31.49 -22.50 7.59
C LYS B 399 -32.42 -21.61 8.47
N ARG B 400 -31.85 -20.89 9.43
CA ARG B 400 -32.61 -20.01 10.31
C ARG B 400 -32.90 -18.60 9.78
N GLY B 401 -32.43 -18.32 8.56
CA GLY B 401 -32.52 -16.98 8.01
C GLY B 401 -31.53 -16.01 8.64
N LEU B 402 -30.50 -16.54 9.30
CA LEU B 402 -29.60 -15.68 10.09
C LEU B 402 -28.25 -15.37 9.43
N TYR B 403 -28.10 -15.75 8.17
CA TYR B 403 -26.82 -15.64 7.50
C TYR B 403 -27.06 -15.66 6.01
N ARG B 404 -26.29 -14.84 5.31
CA ARG B 404 -26.52 -14.67 3.89
C ARG B 404 -26.41 -15.96 3.10
N VAL B 405 -27.33 -16.11 2.15
CA VAL B 405 -27.25 -17.24 1.23
C VAL B 405 -26.55 -16.83 -0.05
N ASP B 406 -26.74 -15.60 -0.51
CA ASP B 406 -25.86 -15.07 -1.54
C ASP B 406 -25.72 -13.58 -1.44
N TYR B 407 -24.80 -13.03 -2.22
CA TYR B 407 -24.49 -11.62 -2.17
C TYR B 407 -25.36 -10.76 -3.10
N GLU B 408 -25.82 -9.64 -2.57
CA GLU B 408 -26.38 -8.56 -3.39
C GLU B 408 -25.25 -7.82 -4.08
N GLU B 409 -25.46 -7.48 -5.34
CA GLU B 409 -24.60 -6.55 -6.04
C GLU B 409 -24.63 -5.19 -5.33
N GLY B 410 -23.44 -4.64 -5.11
CA GLY B 410 -23.36 -3.27 -4.60
C GLY B 410 -22.05 -3.08 -3.85
N THR B 411 -21.85 -1.89 -3.33
CA THR B 411 -20.71 -1.60 -2.47
C THR B 411 -20.82 -2.30 -1.11
N TYR B 412 -19.72 -2.31 -0.38
CA TYR B 412 -19.74 -2.77 1.01
C TYR B 412 -20.72 -1.94 1.87
N ARG B 413 -20.73 -0.60 1.76
CA ARG B 413 -21.66 0.17 2.58
C ARG B 413 -23.13 -0.24 2.34
N GLU B 414 -23.47 -0.56 1.09
CA GLU B 414 -24.80 -1.09 0.76
C GLU B 414 -25.10 -2.51 1.36
N LYS B 415 -24.10 -3.39 1.44
CA LYS B 415 -24.29 -4.69 2.09
C LYS B 415 -24.67 -4.50 3.58
N LEU B 416 -24.18 -3.42 4.15
CA LEU B 416 -24.39 -3.12 5.57
C LEU B 416 -25.67 -2.29 5.78
N PHE B 417 -25.90 -1.28 4.92
CA PHE B 417 -26.94 -0.28 5.16
C PHE B 417 -28.05 -0.28 4.09
N GLY B 418 -27.93 -1.17 3.11
CA GLY B 418 -29.00 -1.33 2.13
C GLY B 418 -28.68 -0.72 0.80
N LYS B 419 -29.22 -1.32 -0.25
CA LYS B 419 -29.01 -0.86 -1.63
C LYS B 419 -29.42 0.58 -1.80
N GLY B 420 -28.59 1.33 -2.52
CA GLY B 420 -28.73 2.75 -2.70
C GLY B 420 -27.90 3.54 -1.71
N ASN B 421 -27.53 2.91 -0.59
CA ASN B 421 -26.69 3.56 0.43
C ASN B 421 -25.18 3.35 0.25
N TYR B 422 -24.66 3.77 -0.92
CA TYR B 422 -23.26 3.57 -1.23
C TYR B 422 -22.40 4.67 -0.63
N ARG B 423 -22.99 5.83 -0.43
CA ARG B 423 -22.30 6.94 0.17
C ARG B 423 -22.85 7.18 1.58
N LEU B 424 -22.07 7.89 2.40
CA LEU B 424 -22.44 8.16 3.80
C LEU B 424 -23.84 8.83 3.89
N PRO B 425 -24.64 8.47 4.93
CA PRO B 425 -26.01 9.01 5.01
C PRO B 425 -26.00 10.50 5.38
N ASP B 426 -27.14 11.17 5.21
CA ASP B 426 -27.22 12.62 5.49
C ASP B 426 -26.91 12.98 6.93
N ASP B 427 -27.17 12.06 7.88
CA ASP B 427 -26.96 12.38 9.30
C ASP B 427 -25.54 12.08 9.80
N HIS B 428 -24.68 11.58 8.91
CA HIS B 428 -23.26 11.41 9.25
C HIS B 428 -22.47 12.76 9.15
N ILE B 429 -21.57 13.01 10.09
CA ILE B 429 -20.84 14.29 10.12
C ILE B 429 -20.04 14.65 8.85
N ALA B 430 -19.58 13.63 8.11
CA ALA B 430 -18.86 13.83 6.85
C ALA B 430 -19.75 14.46 5.76
N ALA B 431 -21.05 14.22 5.81
CA ALA B 431 -22.01 14.78 4.85
C ALA B 431 -21.97 16.31 4.81
N ARG B 432 -21.45 16.93 5.87
CA ARG B 432 -21.28 18.38 5.97
C ARG B 432 -20.32 18.98 4.93
N TYR B 433 -19.42 18.14 4.42
CA TYR B 433 -18.32 18.61 3.59
C TYR B 433 -18.63 18.44 2.11
N ARG B 434 -19.84 18.00 1.81
CA ARG B 434 -20.21 17.67 0.45
C ARG B 434 -20.45 18.87 -0.50
N ASN B 435 -21.37 19.76 -0.18
CA ASN B 435 -21.64 20.89 -1.10
C ASN B 435 -20.92 22.20 -0.78
N1 FMN C . 10.12 12.80 -10.26
C2 FMN C . 9.00 12.36 -9.64
O2 FMN C . 8.57 13.01 -8.64
N3 FMN C . 8.38 11.23 -10.12
C4 FMN C . 8.88 10.54 -11.19
O4 FMN C . 8.31 9.51 -11.60
C4A FMN C . 10.05 10.98 -11.83
N5 FMN C . 10.60 10.34 -12.90
C5A FMN C . 11.73 10.85 -13.49
C6 FMN C . 12.33 10.22 -14.61
C7 FMN C . 13.50 10.74 -15.18
C7M FMN C . 14.15 10.08 -16.39
C8 FMN C . 14.08 11.89 -14.66
C8M FMN C . 15.34 12.45 -15.27
C9 FMN C . 13.51 12.52 -13.56
C9A FMN C . 12.33 12.01 -12.96
N10 FMN C . 11.77 12.64 -11.90
C10 FMN C . 10.65 12.15 -11.33
C1' FMN C . 12.36 13.85 -11.31
C2' FMN C . 13.23 13.48 -10.10
O2' FMN C . 13.17 12.07 -9.85
C3' FMN C . 12.88 14.21 -8.79
O3' FMN C . 11.47 14.22 -8.49
C4' FMN C . 13.56 15.60 -8.67
O4' FMN C . 12.62 16.63 -8.36
C5' FMN C . 14.35 16.04 -9.92
O5' FMN C . 15.67 15.57 -9.70
P FMN C . 16.98 16.31 -10.25
O1P FMN C . 16.69 17.79 -10.06
O2P FMN C . 18.06 15.75 -9.40
O3P FMN C . 17.05 15.98 -11.72
N1 FMN D . -5.42 -1.22 18.39
C2 FMN D . -4.51 -1.40 17.40
O2 FMN D . -3.49 -0.66 17.36
N3 FMN D . -4.75 -2.35 16.45
C4 FMN D . -5.85 -3.16 16.49
O4 FMN D . -6.03 -4.03 15.59
C4A FMN D . -6.80 -3.00 17.51
N5 FMN D . -7.93 -3.76 17.60
C5A FMN D . -8.81 -3.56 18.62
C6 FMN D . -9.96 -4.33 18.74
C7 FMN D . -10.87 -4.14 19.79
C7M FMN D . -12.13 -4.98 19.91
C8 FMN D . -10.63 -3.13 20.73
C8M FMN D . -11.62 -2.93 21.83
C9 FMN D . -9.46 -2.35 20.64
C9A FMN D . -8.55 -2.56 19.58
N10 FMN D . -7.44 -1.79 19.49
C10 FMN D . -6.55 -2.01 18.48
C1' FMN D . -7.11 -0.76 20.51
C2' FMN D . -7.56 0.64 20.15
O2' FMN D . -7.94 0.56 18.76
C3' FMN D . -6.45 1.68 20.27
O3' FMN D . -5.29 1.17 19.60
C4' FMN D . -6.09 2.18 21.68
O4' FMN D . -5.75 1.08 22.53
C5' FMN D . -7.24 2.96 22.33
O5' FMN D . -8.27 2.06 22.77
P FMN D . -9.26 2.45 23.98
O1P FMN D . -8.28 2.74 25.12
O2P FMN D . -10.03 3.63 23.46
O3P FMN D . -10.06 1.20 24.18
#